data_4ZCI
#
_entry.id   4ZCI
#
_cell.length_a   56.717
_cell.length_b   161.391
_cell.length_c   89.601
_cell.angle_alpha   90.00
_cell.angle_beta   97.95
_cell.angle_gamma   90.00
#
_symmetry.space_group_name_H-M   'P 1 21 1'
#
loop_
_entity.id
_entity.type
_entity.pdbx_description
1 polymer 'GTP-binding protein TypA/BipA'
2 non-polymer 'COBALT HEXAMMINE(III)'
3 water water
#
_entity_poly.entity_id   1
_entity_poly.type   'polypeptide(L)'
_entity_poly.pdbx_seq_one_letter_code
;MGSSHHHHHHSSGLVPRGSHMASMTGGQQMGRGSMIEKLRNIAIIAHVDHGKTTLVDKLLQQSGTFDSRAETQERVMDSN
DLEKERGITILAKNTAIKWNDYRINIVDTPGHADFGGEVERVMSMVDSVLLVVDAFDGPMPQTRFVTKKAFAYGLKPIVV
INKVDRPGARPDWVVDQVFDLFVNLDATDEQLDFPIVYASALNGIAGLDHEDMAEDMTPLYQAIVDHVPAPDVDLDGPFQ
MQISQLDYNSYVGVIGIGRIKRGKVKPNQQVTIIDSEGKTRNAKVGKVLGHLGLERIETDLAEAGDIVAITGLGELNISD
TVCDTQNVEALPALSVDEPTVSMFFCVNTSPFCGKEGKFVTSRQILDRLNKELVHNVALRVEETEDADAFRVSGRGELHL
SVLIENMRREGFELAVSRPKVIFREIDGRKQEPYENVTLDVEEQHQGSVMQALGERKGDLKNMNPDGKGRVRLDYVIPSR
GLIGFRSEFMTMTSGTGLLYSTFSHYDDVRPGEVGQRQNGVLISNGQGKAVAFALFGLQDRGKLFLGHGAEVYEGQIIGI
HSRSNDLTVNCLTGKKLTNMRASGTDEAVVLVPPIRMTLEQALEFIDDDELVEVTPTSIRIRKRHLTENDRRRAN
;
_entity_poly.pdbx_strand_id   A,B
#
loop_
_chem_comp.id
_chem_comp.type
_chem_comp.name
_chem_comp.formula
NCO non-polymer 'COBALT HEXAMMINE(III)' 'Co H18 N6 3'
#
# COMPACT_ATOMS: atom_id res chain seq x y z
N MET A 35 37.45 -5.14 11.72
CA MET A 35 36.71 -5.66 10.58
C MET A 35 35.21 -5.43 10.74
N ILE A 36 34.46 -5.85 9.73
CA ILE A 36 33.00 -5.73 9.67
C ILE A 36 32.52 -4.29 9.55
N GLU A 37 33.41 -3.38 9.15
CA GLU A 37 32.98 -2.03 8.83
C GLU A 37 33.19 -1.75 7.34
N LYS A 38 32.75 -2.70 6.53
CA LYS A 38 32.59 -2.50 5.10
C LYS A 38 31.17 -2.00 4.85
N LEU A 39 30.62 -1.32 5.84
CA LEU A 39 29.24 -0.85 5.80
C LEU A 39 29.14 0.61 5.38
N ARG A 40 28.20 0.90 4.49
CA ARG A 40 27.93 2.27 4.08
C ARG A 40 26.43 2.56 4.07
N ASN A 41 25.99 3.42 4.97
CA ASN A 41 24.59 3.85 4.99
C ASN A 41 24.46 5.26 4.43
N ILE A 42 23.79 5.37 3.29
CA ILE A 42 23.62 6.67 2.64
C ILE A 42 22.17 6.90 2.25
N ALA A 43 21.71 8.13 2.44
CA ALA A 43 20.38 8.52 1.99
C ALA A 43 20.47 9.11 0.59
N ILE A 44 19.40 8.99 -0.18
CA ILE A 44 19.41 9.51 -1.54
C ILE A 44 18.35 10.60 -1.73
N ILE A 45 18.76 11.71 -2.31
CA ILE A 45 17.85 12.83 -2.59
C ILE A 45 17.78 13.09 -4.08
N ALA A 46 16.58 13.34 -4.58
CA ALA A 46 16.39 13.70 -5.98
C ALA A 46 15.02 14.30 -6.25
N HIS A 47 14.95 15.20 -7.22
CA HIS A 47 13.68 15.64 -7.76
C HIS A 47 13.03 14.43 -8.43
N VAL A 48 11.71 14.36 -8.39
CA VAL A 48 10.99 13.17 -8.82
C VAL A 48 11.22 12.83 -10.30
N ASP A 49 11.65 13.82 -11.09
CA ASP A 49 11.88 13.61 -12.51
C ASP A 49 13.35 13.39 -12.86
N HIS A 50 14.21 13.32 -11.85
CA HIS A 50 15.64 13.20 -12.09
C HIS A 50 16.14 11.77 -11.88
N GLY A 51 15.26 10.81 -12.12
CA GLY A 51 15.61 9.40 -12.18
C GLY A 51 16.51 8.81 -11.12
N LYS A 52 16.12 8.92 -9.85
CA LYS A 52 16.87 8.29 -8.79
C LYS A 52 16.57 6.80 -8.75
N THR A 53 15.42 6.42 -9.30
CA THR A 53 15.03 5.02 -9.39
C THR A 53 15.88 4.31 -10.45
N THR A 54 16.11 4.99 -11.56
CA THR A 54 16.90 4.41 -12.65
C THR A 54 18.35 4.24 -12.23
N LEU A 55 18.87 5.20 -11.47
CA LEU A 55 20.26 5.16 -11.01
C LEU A 55 20.51 4.00 -10.07
N VAL A 56 19.68 3.89 -9.04
CA VAL A 56 19.79 2.80 -8.07
C VAL A 56 19.67 1.45 -8.75
N ASP A 57 18.77 1.38 -9.73
CA ASP A 57 18.56 0.15 -10.50
C ASP A 57 19.84 -0.28 -11.21
N LYS A 58 20.57 0.69 -11.75
CA LYS A 58 21.84 0.42 -12.42
C LYS A 58 22.90 -0.03 -11.43
N LEU A 59 22.90 0.59 -10.25
CA LEU A 59 23.82 0.20 -9.19
C LEU A 59 23.51 -1.21 -8.69
N LEU A 60 22.24 -1.59 -8.79
CA LEU A 60 21.80 -2.89 -8.32
C LEU A 60 22.24 -4.02 -9.24
N GLN A 61 22.12 -3.80 -10.55
CA GLN A 61 22.38 -4.86 -11.52
C GLN A 61 23.86 -4.98 -11.90
N GLN A 62 24.66 -3.99 -11.49
CA GLN A 62 26.10 -4.06 -11.73
C GLN A 62 26.84 -4.42 -10.45
N SER A 63 26.11 -5.03 -9.52
CA SER A 63 26.68 -5.44 -8.24
C SER A 63 26.66 -6.95 -8.08
N GLY A 64 26.95 -7.41 -6.87
CA GLY A 64 26.95 -8.83 -6.58
C GLY A 64 25.71 -9.24 -5.81
N THR A 65 24.75 -8.33 -5.73
CA THR A 65 23.50 -8.58 -5.01
C THR A 65 22.59 -9.52 -5.79
N ILE A 90 8.69 3.27 -8.17
CA ILE A 90 8.96 3.76 -6.83
C ILE A 90 10.01 2.90 -6.13
N LEU A 91 11.06 3.56 -5.64
CA LEU A 91 12.12 2.87 -4.90
C LEU A 91 11.61 2.19 -3.64
N ALA A 92 12.27 1.12 -3.24
CA ALA A 92 12.05 0.54 -1.94
C ALA A 92 12.59 1.50 -0.90
N LYS A 93 12.02 1.47 0.31
CA LYS A 93 12.44 2.39 1.37
C LYS A 93 13.92 2.19 1.71
N ASN A 94 14.40 0.96 1.51
CA ASN A 94 15.82 0.68 1.60
C ASN A 94 16.27 -0.24 0.47
N THR A 95 17.38 0.11 -0.17
CA THR A 95 17.98 -0.74 -1.19
C THR A 95 19.36 -1.21 -0.72
N ALA A 96 19.46 -2.49 -0.42
CA ALA A 96 20.71 -3.05 0.09
C ALA A 96 21.56 -3.63 -1.03
N ILE A 97 22.72 -3.03 -1.26
CA ILE A 97 23.58 -3.41 -2.37
C ILE A 97 24.88 -4.07 -1.89
N LYS A 98 25.25 -5.16 -2.53
CA LYS A 98 26.53 -5.82 -2.27
C LYS A 98 27.52 -5.54 -3.39
N TRP A 99 28.45 -4.64 -3.15
CA TRP A 99 29.51 -4.34 -4.10
C TRP A 99 30.86 -4.64 -3.47
N ASN A 100 31.63 -5.52 -4.13
CA ASN A 100 32.82 -6.11 -3.51
C ASN A 100 32.44 -6.70 -2.17
N ASP A 101 33.21 -6.38 -1.13
CA ASP A 101 32.90 -6.86 0.21
C ASP A 101 32.18 -5.79 1.01
N TYR A 102 31.69 -4.77 0.33
CA TYR A 102 30.97 -3.67 0.97
C TYR A 102 29.46 -3.88 0.91
N ARG A 103 28.77 -3.51 1.99
CA ARG A 103 27.32 -3.49 2.01
C ARG A 103 26.81 -2.06 2.01
N ILE A 104 26.22 -1.64 0.89
CA ILE A 104 25.73 -0.28 0.76
C ILE A 104 24.22 -0.19 0.92
N ASN A 105 23.78 0.48 1.98
CA ASN A 105 22.37 0.75 2.18
C ASN A 105 21.98 2.11 1.63
N ILE A 106 21.11 2.11 0.63
CA ILE A 106 20.61 3.36 0.07
C ILE A 106 19.18 3.61 0.57
N VAL A 107 19.07 4.44 1.60
CA VAL A 107 17.77 4.75 2.19
C VAL A 107 17.10 5.89 1.43
N ASP A 108 15.86 5.68 1.01
CA ASP A 108 15.14 6.68 0.24
C ASP A 108 14.65 7.82 1.13
N THR A 109 14.41 8.97 0.51
CA THR A 109 13.86 10.13 1.22
C THR A 109 12.46 10.43 0.70
N PRO A 110 11.60 10.99 1.57
CA PRO A 110 10.21 11.29 1.19
C PRO A 110 10.09 12.37 0.12
N GLY A 111 8.89 12.53 -0.44
CA GLY A 111 8.63 13.58 -1.41
C GLY A 111 8.81 14.95 -0.81
N HIS A 112 8.86 15.98 -1.66
CA HIS A 112 9.17 17.34 -1.22
C HIS A 112 8.15 17.88 -0.21
N ALA A 113 6.97 17.28 -0.18
CA ALA A 113 5.94 17.68 0.78
C ALA A 113 5.67 16.56 1.78
N ASP A 114 6.39 16.57 2.89
CA ASP A 114 6.24 15.54 3.92
C ASP A 114 6.93 15.94 5.22
N PHE A 115 6.32 16.86 5.95
CA PHE A 115 6.88 17.31 7.23
C PHE A 115 6.28 16.54 8.41
N GLY A 116 6.40 15.22 8.36
CA GLY A 116 5.96 14.38 9.45
C GLY A 116 7.12 13.99 10.33
N GLY A 117 8.31 14.42 9.93
CA GLY A 117 9.53 14.08 10.64
C GLY A 117 10.21 12.89 10.00
N GLU A 118 9.67 12.43 8.87
CA GLU A 118 10.18 11.27 8.18
C GLU A 118 11.60 11.51 7.65
N VAL A 119 11.84 12.73 7.18
CA VAL A 119 13.14 13.10 6.63
C VAL A 119 14.24 12.96 7.68
N GLU A 120 14.03 13.56 8.85
CA GLU A 120 15.01 13.50 9.92
C GLU A 120 15.07 12.10 10.57
N ARG A 121 14.06 11.28 10.30
CA ARG A 121 14.09 9.88 10.73
C ARG A 121 15.06 9.11 9.84
N VAL A 122 14.98 9.39 8.54
CA VAL A 122 15.92 8.81 7.57
C VAL A 122 17.34 9.26 7.88
N MET A 123 17.50 10.57 8.10
CA MET A 123 18.82 11.16 8.33
C MET A 123 19.48 10.63 9.60
N SER A 124 18.67 10.08 10.52
CA SER A 124 19.20 9.56 11.77
C SER A 124 19.75 8.14 11.61
N MET A 125 19.56 7.58 10.42
CA MET A 125 20.00 6.22 10.15
C MET A 125 21.24 6.16 9.25
N VAL A 126 21.50 7.26 8.55
CA VAL A 126 22.58 7.29 7.55
C VAL A 126 23.75 8.18 7.97
N ASP A 127 24.88 8.03 7.28
CA ASP A 127 26.09 8.76 7.61
C ASP A 127 26.53 9.68 6.49
N SER A 128 25.77 9.69 5.40
CA SER A 128 26.03 10.59 4.27
C SER A 128 24.79 10.70 3.41
N VAL A 129 24.82 11.58 2.42
CA VAL A 129 23.67 11.75 1.54
C VAL A 129 24.11 11.80 0.08
N LEU A 130 23.22 11.32 -0.80
CA LEU A 130 23.49 11.24 -2.23
C LEU A 130 22.52 12.10 -3.01
N LEU A 131 22.95 13.29 -3.39
CA LEU A 131 22.09 14.23 -4.11
C LEU A 131 22.19 14.03 -5.62
N VAL A 132 21.10 13.57 -6.22
CA VAL A 132 21.06 13.32 -7.65
C VAL A 132 20.47 14.52 -8.40
N VAL A 133 21.20 15.02 -9.39
CA VAL A 133 20.83 16.24 -10.08
C VAL A 133 20.92 16.11 -11.60
N ASP A 134 19.86 16.48 -12.29
CA ASP A 134 19.83 16.44 -13.76
C ASP A 134 20.85 17.40 -14.35
N ALA A 135 21.48 17.01 -15.45
CA ALA A 135 22.57 17.77 -16.05
C ALA A 135 22.09 19.02 -16.79
N PHE A 136 20.78 19.13 -16.98
CA PHE A 136 20.22 20.33 -17.62
C PHE A 136 19.46 21.19 -16.62
N ASP A 137 18.53 20.58 -15.91
CA ASP A 137 17.68 21.30 -14.96
C ASP A 137 18.49 21.90 -13.81
N GLY A 138 19.55 21.20 -13.42
CA GLY A 138 20.30 21.57 -12.23
C GLY A 138 19.50 21.16 -11.01
N PRO A 139 19.91 21.64 -9.83
CA PRO A 139 19.16 21.32 -8.61
C PRO A 139 17.80 21.99 -8.60
N MET A 140 16.78 21.28 -8.10
CA MET A 140 15.43 21.81 -8.05
C MET A 140 15.10 22.36 -6.66
N PRO A 141 14.32 23.44 -6.61
CA PRO A 141 13.90 24.08 -5.35
C PRO A 141 13.16 23.13 -4.41
N GLN A 142 12.59 22.06 -4.93
CA GLN A 142 11.79 21.13 -4.13
C GLN A 142 12.64 20.30 -3.17
N THR A 143 13.90 20.07 -3.53
CA THR A 143 14.80 19.26 -2.71
C THR A 143 15.54 20.10 -1.66
N ARG A 144 15.21 21.39 -1.64
CA ARG A 144 15.84 22.36 -0.74
C ARG A 144 15.88 21.91 0.72
N PHE A 145 14.71 21.58 1.25
CA PHE A 145 14.53 21.36 2.68
C PHE A 145 15.12 20.02 3.15
N VAL A 146 15.01 19.00 2.32
CA VAL A 146 15.62 17.71 2.64
C VAL A 146 17.13 17.86 2.71
N THR A 147 17.67 18.71 1.83
CA THR A 147 19.10 18.96 1.78
C THR A 147 19.59 19.74 2.99
N LYS A 148 18.80 20.73 3.41
CA LYS A 148 19.15 21.54 4.57
C LYS A 148 19.17 20.71 5.85
N LYS A 149 18.35 19.67 5.88
CA LYS A 149 18.28 18.79 7.05
C LYS A 149 19.43 17.80 7.09
N ALA A 150 19.87 17.36 5.92
CA ALA A 150 21.04 16.48 5.83
C ALA A 150 22.27 17.22 6.36
N PHE A 151 22.38 18.49 6.00
CA PHE A 151 23.47 19.34 6.49
C PHE A 151 23.35 19.59 7.99
N ALA A 152 22.11 19.68 8.47
CA ALA A 152 21.85 19.91 9.89
C ALA A 152 22.31 18.73 10.74
N TYR A 153 22.27 17.53 10.15
CA TYR A 153 22.73 16.33 10.83
C TYR A 153 24.22 16.10 10.60
N GLY A 154 24.90 17.11 10.08
CA GLY A 154 26.34 17.09 9.93
C GLY A 154 26.84 16.29 8.74
N LEU A 155 25.90 15.79 7.93
CA LEU A 155 26.25 14.91 6.82
C LEU A 155 26.90 15.63 5.65
N LYS A 156 27.91 15.00 5.07
CA LYS A 156 28.53 15.50 3.84
C LYS A 156 27.84 14.89 2.63
N PRO A 157 27.73 15.67 1.54
CA PRO A 157 27.02 15.17 0.36
C PRO A 157 27.90 14.52 -0.70
N ILE A 158 27.35 13.49 -1.35
CA ILE A 158 27.90 12.98 -2.60
C ILE A 158 26.96 13.46 -3.70
N VAL A 159 27.48 14.20 -4.67
CA VAL A 159 26.63 14.75 -5.72
C VAL A 159 26.77 13.99 -7.03
N VAL A 160 25.64 13.52 -7.54
CA VAL A 160 25.61 12.83 -8.82
C VAL A 160 24.86 13.62 -9.87
N ILE A 161 25.59 14.04 -10.91
CA ILE A 161 24.99 14.72 -12.04
C ILE A 161 24.72 13.73 -13.16
N ASN A 162 23.47 13.27 -13.26
CA ASN A 162 23.12 12.25 -14.23
C ASN A 162 22.43 12.83 -15.46
N LYS A 163 22.06 11.96 -16.39
CA LYS A 163 21.55 12.37 -17.70
C LYS A 163 22.53 13.35 -18.34
N VAL A 164 23.81 13.06 -18.19
CA VAL A 164 24.86 13.96 -18.67
C VAL A 164 25.01 13.88 -20.18
N ASP A 165 24.30 12.94 -20.79
CA ASP A 165 24.38 12.72 -22.22
C ASP A 165 23.16 13.26 -22.97
N ARG A 166 22.23 13.86 -22.24
CA ARG A 166 21.03 14.42 -22.86
C ARG A 166 21.36 15.68 -23.64
N PRO A 167 20.60 15.95 -24.71
CA PRO A 167 20.80 17.17 -25.51
C PRO A 167 20.66 18.44 -24.67
N GLY A 168 21.65 19.32 -24.77
CA GLY A 168 21.64 20.58 -24.04
C GLY A 168 22.14 20.46 -22.62
N ALA A 169 22.79 19.34 -22.30
CA ALA A 169 23.35 19.13 -20.98
C ALA A 169 24.44 20.16 -20.68
N ARG A 170 24.46 20.65 -19.44
CA ARG A 170 25.39 21.71 -19.06
C ARG A 170 25.94 21.48 -17.65
N PRO A 171 26.80 20.45 -17.50
CA PRO A 171 27.30 20.02 -16.19
C PRO A 171 28.07 21.09 -15.43
N ASP A 172 28.96 21.81 -16.12
CA ASP A 172 29.69 22.92 -15.49
C ASP A 172 28.73 23.92 -14.86
N TRP A 173 27.62 24.17 -15.54
CA TRP A 173 26.63 25.14 -15.05
C TRP A 173 25.92 24.63 -13.80
N VAL A 174 25.48 23.38 -13.79
CA VAL A 174 24.75 22.84 -12.65
C VAL A 174 25.66 22.60 -11.45
N VAL A 175 26.96 22.46 -11.70
CA VAL A 175 27.93 22.34 -10.61
C VAL A 175 27.94 23.64 -9.81
N ASP A 176 27.98 24.76 -10.54
CA ASP A 176 27.93 26.07 -9.93
C ASP A 176 26.62 26.28 -9.17
N GLN A 177 25.52 25.84 -9.78
CA GLN A 177 24.21 25.93 -9.15
C GLN A 177 24.17 25.15 -7.85
N VAL A 178 24.59 23.89 -7.92
CA VAL A 178 24.62 23.01 -6.76
C VAL A 178 25.53 23.58 -5.66
N PHE A 179 26.68 24.10 -6.07
CA PHE A 179 27.60 24.72 -5.12
C PHE A 179 27.03 26.01 -4.54
N ASP A 180 26.24 26.73 -5.34
CA ASP A 180 25.64 27.98 -4.89
C ASP A 180 24.40 27.72 -4.04
N LEU A 181 23.61 26.71 -4.43
CA LEU A 181 22.50 26.23 -3.61
C LEU A 181 23.04 25.86 -2.24
N PHE A 182 24.31 25.47 -2.23
CA PHE A 182 25.00 25.13 -1.00
C PHE A 182 25.42 26.36 -0.18
N VAL A 183 24.50 27.29 -0.05
CA VAL A 183 24.57 28.22 1.02
C VAL A 183 23.22 28.13 1.65
N ASN A 184 22.98 26.90 2.07
CA ASN A 184 22.13 26.47 3.12
C ASN A 184 23.03 26.41 4.35
N LEU A 185 23.96 27.33 4.43
CA LEU A 185 24.77 27.51 5.61
C LEU A 185 25.58 26.32 5.99
N ASP A 186 26.21 25.71 5.01
CA ASP A 186 26.95 24.49 5.20
C ASP A 186 28.41 24.76 5.53
N ALA A 187 28.94 23.97 6.46
CA ALA A 187 30.33 24.06 6.83
C ALA A 187 31.23 23.88 5.61
N THR A 188 32.42 24.45 5.68
CA THR A 188 33.40 24.30 4.61
C THR A 188 33.72 22.82 4.43
N ASP A 189 33.51 22.04 5.49
CA ASP A 189 33.63 20.59 5.43
C ASP A 189 32.64 19.97 4.43
N GLU A 190 31.50 20.62 4.23
CA GLU A 190 30.42 20.05 3.43
C GLU A 190 30.39 20.55 1.99
N GLN A 191 30.91 21.75 1.76
CA GLN A 191 30.92 22.30 0.41
C GLN A 191 32.30 22.16 -0.24
N LEU A 192 33.35 22.44 0.53
CA LEU A 192 34.69 22.08 0.06
C LEU A 192 34.81 20.57 0.22
N ASP A 193 35.27 19.92 -0.85
CA ASP A 193 35.45 18.47 -0.89
C ASP A 193 34.15 17.69 -0.72
N PHE A 194 33.12 18.05 -1.48
CA PHE A 194 32.07 17.09 -1.79
C PHE A 194 32.41 16.57 -3.17
N PRO A 195 32.41 15.25 -3.35
CA PRO A 195 32.79 14.70 -4.65
C PRO A 195 31.67 14.86 -5.66
N ILE A 196 32.04 15.04 -6.93
CA ILE A 196 31.05 15.12 -8.00
C ILE A 196 31.22 13.94 -8.94
N VAL A 197 30.16 13.16 -9.10
CA VAL A 197 30.19 12.00 -9.96
C VAL A 197 29.16 12.13 -11.08
N TYR A 198 29.63 12.18 -12.31
CA TYR A 198 28.76 12.30 -13.46
C TYR A 198 28.25 10.93 -13.89
N ALA A 199 26.98 10.85 -14.27
CA ALA A 199 26.37 9.56 -14.58
C ALA A 199 25.55 9.58 -15.86
N SER A 200 25.56 8.45 -16.56
CA SER A 200 24.67 8.23 -17.68
C SER A 200 23.97 6.90 -17.49
N ALA A 201 22.75 6.95 -16.94
CA ALA A 201 22.00 5.74 -16.60
C ALA A 201 21.64 4.93 -17.85
N LEU A 202 21.58 5.61 -18.99
CA LEU A 202 21.29 4.97 -20.27
C LEU A 202 22.35 3.91 -20.59
N ASN A 203 23.61 4.30 -20.46
CA ASN A 203 24.72 3.39 -20.72
C ASN A 203 25.22 2.71 -19.45
N GLY A 204 24.75 3.20 -18.30
CA GLY A 204 25.15 2.64 -17.03
C GLY A 204 26.60 2.92 -16.70
N ILE A 205 27.05 4.12 -17.05
CA ILE A 205 28.44 4.50 -16.83
C ILE A 205 28.56 5.73 -15.92
N ALA A 206 29.64 5.78 -15.16
CA ALA A 206 29.91 6.91 -14.29
C ALA A 206 31.36 7.36 -14.45
N GLY A 207 31.69 8.52 -13.88
CA GLY A 207 33.03 9.05 -13.95
C GLY A 207 33.18 10.36 -13.22
N LEU A 208 34.43 10.75 -12.98
CA LEU A 208 34.72 12.02 -12.30
C LEU A 208 34.77 13.15 -13.32
N ASP A 209 34.73 12.77 -14.58
CA ASP A 209 34.71 13.72 -15.70
C ASP A 209 33.76 13.17 -16.74
N HIS A 210 32.82 14.02 -17.17
CA HIS A 210 31.78 13.58 -18.08
C HIS A 210 32.32 13.25 -19.47
N GLU A 211 33.42 13.90 -19.86
CA GLU A 211 34.04 13.66 -21.15
C GLU A 211 35.10 12.56 -21.09
N ASP A 212 35.24 11.96 -19.91
CA ASP A 212 36.21 10.89 -19.70
C ASP A 212 35.65 9.87 -18.69
N MET A 213 34.53 9.26 -19.05
CA MET A 213 33.82 8.36 -18.13
C MET A 213 34.34 6.93 -18.17
N ALA A 214 34.10 6.20 -17.09
CA ALA A 214 34.49 4.79 -17.02
C ALA A 214 33.56 3.94 -17.85
N GLU A 215 33.81 2.64 -17.90
CA GLU A 215 33.01 1.74 -18.71
C GLU A 215 31.86 1.12 -17.91
N ASP A 216 31.74 1.52 -16.64
CA ASP A 216 30.59 1.15 -15.81
C ASP A 216 30.38 2.14 -14.66
N MET A 217 29.75 1.66 -13.59
CA MET A 217 29.37 2.54 -12.48
C MET A 217 30.41 2.58 -11.34
N THR A 218 31.55 1.92 -11.56
CA THR A 218 32.60 1.82 -10.54
C THR A 218 33.00 3.14 -9.88
N PRO A 219 33.12 4.25 -10.65
CA PRO A 219 33.42 5.52 -9.98
C PRO A 219 32.42 5.93 -8.90
N LEU A 220 31.13 5.62 -9.08
CA LEU A 220 30.10 6.01 -8.11
C LEU A 220 30.16 5.12 -6.86
N TYR A 221 30.38 3.83 -7.05
CA TYR A 221 30.59 2.92 -5.93
C TYR A 221 31.77 3.39 -5.09
N GLN A 222 32.87 3.68 -5.78
CA GLN A 222 34.12 4.04 -5.12
C GLN A 222 33.99 5.36 -4.35
N ALA A 223 33.25 6.30 -4.92
CA ALA A 223 33.01 7.59 -4.26
C ALA A 223 32.26 7.38 -2.95
N ILE A 224 31.29 6.48 -2.97
CA ILE A 224 30.53 6.14 -1.77
C ILE A 224 31.43 5.48 -0.73
N VAL A 225 32.18 4.48 -1.17
CA VAL A 225 33.11 3.78 -0.27
C VAL A 225 34.16 4.73 0.29
N ASP A 226 34.69 5.61 -0.56
CA ASP A 226 35.77 6.52 -0.16
C ASP A 226 35.32 7.66 0.75
N HIS A 227 34.12 8.16 0.55
CA HIS A 227 33.72 9.41 1.20
C HIS A 227 32.58 9.28 2.22
N VAL A 228 31.87 8.16 2.21
CA VAL A 228 30.88 7.90 3.23
C VAL A 228 31.55 7.18 4.40
N PRO A 229 31.44 7.75 5.62
CA PRO A 229 32.08 7.11 6.77
C PRO A 229 31.30 5.88 7.22
N ALA A 230 31.99 4.96 7.90
CA ALA A 230 31.34 3.80 8.48
C ALA A 230 30.43 4.24 9.62
N PRO A 231 29.36 3.47 9.90
CA PRO A 231 28.45 3.81 10.98
C PRO A 231 29.14 3.89 12.34
N ASP A 232 28.83 4.92 13.11
CA ASP A 232 29.39 5.08 14.45
C ASP A 232 28.64 4.18 15.43
N VAL A 233 29.05 2.91 15.49
CA VAL A 233 28.36 1.92 16.31
C VAL A 233 29.35 1.03 17.07
N ASP A 234 28.88 0.41 18.15
CA ASP A 234 29.69 -0.55 18.88
C ASP A 234 29.12 -1.96 18.73
N LEU A 235 29.92 -2.86 18.18
CA LEU A 235 29.48 -4.22 17.89
C LEU A 235 29.36 -5.08 19.14
N ASP A 236 30.12 -4.73 20.18
CA ASP A 236 30.28 -5.60 21.34
C ASP A 236 29.30 -5.34 22.48
N GLY A 237 28.76 -4.13 22.56
CA GLY A 237 27.85 -3.79 23.64
C GLY A 237 26.53 -4.55 23.60
N PRO A 238 25.67 -4.32 24.60
CA PRO A 238 24.32 -4.91 24.62
C PRO A 238 23.42 -4.31 23.54
N PHE A 239 22.44 -5.10 23.09
CA PHE A 239 21.59 -4.69 21.97
C PHE A 239 20.83 -3.40 22.24
N GLN A 240 20.88 -2.49 21.29
CA GLN A 240 20.20 -1.21 21.39
C GLN A 240 19.87 -0.68 20.00
N MET A 241 18.57 -0.56 19.71
CA MET A 241 18.14 -0.07 18.40
C MET A 241 16.92 0.82 18.51
N GLN A 242 17.02 2.03 17.97
CA GLN A 242 15.90 2.96 17.93
C GLN A 242 15.07 2.75 16.68
N ILE A 243 13.75 2.73 16.83
CA ILE A 243 12.86 2.61 15.68
C ILE A 243 12.77 3.96 14.96
N SER A 244 13.20 3.99 13.71
CA SER A 244 13.18 5.21 12.92
C SER A 244 12.02 5.21 11.93
N GLN A 245 11.62 4.01 11.50
CA GLN A 245 10.52 3.87 10.56
C GLN A 245 9.60 2.71 10.95
N LEU A 246 8.33 2.81 10.54
CA LEU A 246 7.36 1.76 10.79
C LEU A 246 6.80 1.21 9.49
N ASP A 247 6.41 -0.06 9.51
CA ASP A 247 5.83 -0.71 8.35
C ASP A 247 4.83 -1.76 8.83
N TYR A 248 4.08 -2.35 7.90
CA TYR A 248 3.07 -3.32 8.28
C TYR A 248 2.79 -4.31 7.15
N ASN A 249 2.48 -5.54 7.55
CA ASN A 249 2.12 -6.60 6.64
C ASN A 249 1.05 -7.46 7.32
N SER A 250 0.07 -7.92 6.55
CA SER A 250 -1.07 -8.63 7.12
C SER A 250 -0.66 -9.96 7.74
N TYR A 251 0.46 -10.51 7.28
CA TYR A 251 0.92 -11.81 7.74
C TYR A 251 1.85 -11.71 8.94
N VAL A 252 2.54 -10.57 9.07
CA VAL A 252 3.59 -10.44 10.07
C VAL A 252 3.29 -9.39 11.13
N GLY A 253 2.42 -8.44 10.82
CA GLY A 253 2.02 -7.43 11.78
C GLY A 253 2.84 -6.15 11.72
N VAL A 254 2.94 -5.46 12.85
CA VAL A 254 3.68 -4.21 12.92
C VAL A 254 5.18 -4.43 12.78
N ILE A 255 5.81 -3.64 11.91
CA ILE A 255 7.22 -3.80 11.60
C ILE A 255 8.04 -2.58 12.02
N GLY A 256 9.09 -2.81 12.81
CA GLY A 256 9.95 -1.73 13.28
C GLY A 256 11.27 -1.69 12.53
N ILE A 257 11.58 -0.53 11.95
CA ILE A 257 12.78 -0.39 11.14
C ILE A 257 13.75 0.62 11.75
N GLY A 258 15.03 0.26 11.80
CA GLY A 258 16.05 1.17 12.30
C GLY A 258 17.45 0.71 11.96
N ARG A 259 18.43 1.48 12.41
CA ARG A 259 19.82 1.09 12.29
C ARG A 259 20.36 0.71 13.67
N ILE A 260 20.76 -0.55 13.81
CA ILE A 260 21.21 -1.05 15.10
C ILE A 260 22.42 -0.27 15.60
N LYS A 261 22.22 0.43 16.72
CA LYS A 261 23.24 1.28 17.31
C LYS A 261 24.32 0.46 18.02
N ARG A 262 23.92 -0.66 18.60
CA ARG A 262 24.81 -1.44 19.44
C ARG A 262 24.41 -2.90 19.53
N GLY A 263 25.39 -3.78 19.66
CA GLY A 263 25.14 -5.19 19.87
C GLY A 263 24.54 -5.91 18.68
N LYS A 264 23.80 -6.97 18.96
CA LYS A 264 23.19 -7.78 17.90
C LYS A 264 21.86 -8.37 18.36
N VAL A 265 21.03 -8.75 17.40
CA VAL A 265 19.71 -9.29 17.72
C VAL A 265 19.43 -10.57 16.93
N LYS A 266 18.80 -11.53 17.61
CA LYS A 266 18.42 -12.80 16.99
C LYS A 266 16.91 -12.98 17.09
N PRO A 267 16.34 -13.87 16.26
CA PRO A 267 14.94 -14.24 16.45
C PRO A 267 14.70 -14.82 17.84
N ASN A 268 13.52 -14.57 18.40
CA ASN A 268 13.12 -15.05 19.72
C ASN A 268 13.94 -14.47 20.88
N GLN A 269 14.76 -13.45 20.61
CA GLN A 269 15.51 -12.80 21.66
C GLN A 269 14.62 -11.96 22.55
N GLN A 270 14.73 -12.17 23.86
CA GLN A 270 13.98 -11.37 24.83
C GLN A 270 14.51 -9.94 24.84
N VAL A 271 13.62 -8.96 24.74
CA VAL A 271 14.03 -7.56 24.75
C VAL A 271 13.15 -6.71 25.66
N THR A 272 13.56 -5.45 25.84
CA THR A 272 12.78 -4.48 26.57
C THR A 272 12.71 -3.18 25.78
N ILE A 273 11.49 -2.70 25.53
CA ILE A 273 11.29 -1.47 24.78
C ILE A 273 11.00 -0.29 25.69
N ILE A 274 11.83 0.74 25.61
CA ILE A 274 11.63 1.96 26.39
C ILE A 274 11.26 3.12 25.47
N ASP A 275 10.18 3.83 25.81
CA ASP A 275 9.71 4.91 24.96
C ASP A 275 10.41 6.23 25.27
N SER A 276 9.96 7.28 24.62
CA SER A 276 10.55 8.57 24.73
C SER A 276 10.44 9.15 26.13
N GLU A 277 9.59 8.57 26.94
CA GLU A 277 9.32 9.13 28.24
C GLU A 277 10.07 8.40 29.30
N GLY A 278 10.04 7.10 29.25
CA GLY A 278 10.81 6.31 30.18
C GLY A 278 10.04 5.11 30.56
N LYS A 279 8.85 4.98 30.02
CA LYS A 279 8.01 3.82 30.29
C LYS A 279 8.53 2.62 29.51
N THR A 280 8.47 1.44 30.13
CA THR A 280 9.02 0.24 29.52
C THR A 280 8.03 -0.91 29.44
N ARG A 281 8.33 -1.84 28.55
CA ARG A 281 7.59 -3.10 28.48
C ARG A 281 8.52 -4.18 27.90
N ASN A 282 8.29 -5.42 28.32
CA ASN A 282 9.06 -6.53 27.78
C ASN A 282 8.37 -7.12 26.57
N ALA A 283 9.16 -7.69 25.66
CA ALA A 283 8.64 -8.32 24.46
C ALA A 283 9.65 -9.32 23.91
N LYS A 284 9.19 -10.17 23.01
CA LYS A 284 10.08 -11.14 22.37
C LYS A 284 10.15 -10.90 20.87
N VAL A 285 11.37 -10.82 20.35
CA VAL A 285 11.59 -10.63 18.92
C VAL A 285 11.00 -11.77 18.12
N GLY A 286 10.15 -11.44 17.15
CA GLY A 286 9.59 -12.45 16.27
C GLY A 286 10.59 -12.82 15.18
N LYS A 287 10.62 -12.02 14.13
CA LYS A 287 11.53 -12.23 13.02
C LYS A 287 12.49 -11.05 12.86
N VAL A 288 13.71 -11.35 12.43
CA VAL A 288 14.70 -10.31 12.16
C VAL A 288 14.96 -10.22 10.67
N LEU A 289 14.34 -9.23 10.03
CA LEU A 289 14.40 -9.09 8.59
C LEU A 289 15.53 -8.17 8.13
N GLY A 290 16.60 -8.77 7.59
CA GLY A 290 17.67 -8.01 7.00
C GLY A 290 17.28 -7.60 5.59
N HIS A 291 17.89 -6.53 5.09
CA HIS A 291 17.58 -6.07 3.74
C HIS A 291 18.58 -6.62 2.73
N LEU A 292 18.05 -7.10 1.60
CA LEU A 292 18.87 -7.63 0.52
C LEU A 292 18.25 -7.25 -0.82
N GLY A 293 18.88 -6.31 -1.52
CA GLY A 293 18.32 -5.79 -2.75
C GLY A 293 17.13 -4.90 -2.46
N LEU A 294 16.02 -5.18 -3.12
CA LEU A 294 14.79 -4.41 -2.93
C LEU A 294 13.87 -5.11 -1.93
N GLU A 295 14.29 -6.28 -1.46
CA GLU A 295 13.43 -7.12 -0.63
C GLU A 295 13.92 -7.19 0.83
N ARG A 296 13.08 -7.77 1.68
CA ARG A 296 13.48 -8.14 3.02
C ARG A 296 13.51 -9.66 3.11
N ILE A 297 14.36 -10.19 3.99
CA ILE A 297 14.49 -11.63 4.15
C ILE A 297 14.94 -11.95 5.58
N GLU A 298 14.38 -13.00 6.15
CA GLU A 298 14.67 -13.38 7.53
C GLU A 298 16.14 -13.70 7.75
N THR A 299 16.71 -13.14 8.81
CA THR A 299 18.08 -13.45 9.20
C THR A 299 18.07 -14.12 10.57
N ASP A 300 19.15 -14.83 10.87
CA ASP A 300 19.31 -15.41 12.20
C ASP A 300 20.07 -14.42 13.08
N LEU A 301 20.61 -13.38 12.46
CA LEU A 301 21.46 -12.44 13.17
C LEU A 301 21.59 -11.11 12.44
N ALA A 302 21.37 -10.02 13.18
CA ALA A 302 21.64 -8.67 12.69
C ALA A 302 22.51 -7.96 13.71
N GLU A 303 23.47 -7.17 13.24
CA GLU A 303 24.47 -6.59 14.15
C GLU A 303 24.49 -5.06 14.06
N ALA A 304 25.38 -4.45 14.85
CA ALA A 304 25.50 -2.99 14.88
C ALA A 304 25.88 -2.45 13.51
N GLY A 305 25.18 -1.39 13.08
CA GLY A 305 25.42 -0.80 11.78
C GLY A 305 24.39 -1.25 10.76
N ASP A 306 23.79 -2.42 11.00
CA ASP A 306 22.79 -2.97 10.09
C ASP A 306 21.49 -2.16 10.13
N ILE A 307 20.89 -1.99 8.96
CA ILE A 307 19.54 -1.43 8.86
C ILE A 307 18.57 -2.58 8.63
N VAL A 308 17.83 -2.95 9.68
CA VAL A 308 16.94 -4.10 9.60
C VAL A 308 15.52 -3.79 10.04
N ALA A 309 14.65 -4.79 9.94
CA ALA A 309 13.27 -4.69 10.39
C ALA A 309 12.97 -5.79 11.41
N ILE A 310 12.36 -5.41 12.53
CA ILE A 310 12.03 -6.37 13.59
C ILE A 310 10.51 -6.47 13.73
N THR A 311 10.01 -7.67 14.02
CA THR A 311 8.64 -8.02 13.65
C THR A 311 7.65 -8.36 14.77
N GLY A 312 8.13 -8.87 15.90
CA GLY A 312 7.20 -9.37 16.91
C GLY A 312 7.09 -8.60 18.22
N LEU A 313 7.28 -7.29 18.16
CA LEU A 313 7.37 -6.47 19.37
C LEU A 313 6.10 -5.69 19.69
N GLY A 314 5.02 -5.96 18.98
CA GLY A 314 3.77 -5.24 19.20
C GLY A 314 3.75 -3.91 18.49
N GLU A 315 2.84 -3.02 18.90
CA GLU A 315 2.73 -1.70 18.28
C GLU A 315 3.88 -0.79 18.66
N LEU A 316 4.97 -0.84 17.89
CA LEU A 316 6.12 0.03 18.11
C LEU A 316 5.79 1.46 17.73
N ASN A 317 6.41 2.41 18.41
CA ASN A 317 6.32 3.81 18.04
C ASN A 317 7.67 4.31 17.56
N ILE A 318 7.67 5.32 16.71
CA ILE A 318 8.90 5.97 16.31
C ILE A 318 9.53 6.60 17.56
N SER A 319 10.86 6.47 17.66
CA SER A 319 11.68 6.92 18.80
C SER A 319 11.72 5.89 19.94
N ASP A 320 10.99 4.80 19.79
CA ASP A 320 11.12 3.69 20.74
C ASP A 320 12.52 3.08 20.60
N THR A 321 13.11 2.70 21.73
CA THR A 321 14.42 2.07 21.71
C THR A 321 14.32 0.62 22.19
N VAL A 322 14.65 -0.32 21.31
CA VAL A 322 14.64 -1.73 21.67
C VAL A 322 15.98 -2.13 22.27
N CYS A 323 15.95 -2.68 23.49
CA CYS A 323 17.17 -2.98 24.22
C CYS A 323 17.23 -4.40 24.73
N ASP A 324 18.44 -4.86 25.02
CA ASP A 324 18.64 -6.08 25.77
C ASP A 324 18.07 -5.87 27.17
N THR A 325 17.37 -6.87 27.69
CA THR A 325 16.68 -6.75 28.98
C THR A 325 17.64 -6.45 30.13
N GLN A 326 18.91 -6.78 29.94
CA GLN A 326 19.91 -6.58 30.99
C GLN A 326 20.48 -5.17 30.96
N ASN A 327 20.36 -4.49 29.82
CA ASN A 327 20.85 -3.12 29.69
C ASN A 327 19.85 -2.23 28.96
N VAL A 328 18.86 -1.72 29.68
CA VAL A 328 17.86 -0.85 29.08
C VAL A 328 18.32 0.60 29.06
N GLU A 329 18.53 1.13 27.85
CA GLU A 329 19.02 2.49 27.68
C GLU A 329 18.41 3.14 26.45
N ALA A 330 17.60 4.17 26.67
CA ALA A 330 16.90 4.84 25.58
C ALA A 330 17.83 5.77 24.78
N LEU A 331 17.72 5.69 23.46
CA LEU A 331 18.42 6.63 22.59
C LEU A 331 17.64 7.94 22.52
N PRO A 332 18.36 9.06 22.44
CA PRO A 332 17.69 10.38 22.46
C PRO A 332 16.81 10.62 21.24
N ALA A 333 15.66 11.26 21.45
CA ALA A 333 14.76 11.62 20.36
C ALA A 333 15.41 12.68 19.47
N LEU A 334 14.77 13.02 18.36
CA LEU A 334 15.41 13.85 17.35
C LEU A 334 14.72 15.17 17.03
N SER A 335 13.71 15.08 16.15
CA SER A 335 13.23 16.22 15.38
C SER A 335 12.66 17.40 16.15
N VAL A 336 13.54 18.23 16.71
CA VAL A 336 13.10 19.49 17.28
C VAL A 336 13.03 20.54 16.17
N ASP A 337 11.95 20.50 15.40
CA ASP A 337 11.71 21.49 14.37
C ASP A 337 10.63 22.46 14.83
N GLU A 338 11.06 23.56 15.44
CA GLU A 338 10.15 24.51 16.07
C GLU A 338 9.52 25.46 15.04
N PRO A 339 8.27 25.89 15.31
CA PRO A 339 7.59 26.87 14.45
C PRO A 339 8.22 28.26 14.58
N THR A 340 8.05 29.09 13.55
CA THR A 340 8.62 30.43 13.55
C THR A 340 7.56 31.48 13.24
N VAL A 341 6.35 31.03 12.93
CA VAL A 341 5.25 31.92 12.57
C VAL A 341 3.94 31.45 13.21
N SER A 342 3.31 32.34 13.98
CA SER A 342 2.05 32.01 14.65
C SER A 342 0.88 32.75 14.02
N MET A 343 -0.33 32.31 14.34
CA MET A 343 -1.53 32.73 13.61
C MET A 343 -2.79 32.25 14.32
N PHE A 344 -3.75 33.15 14.50
CA PHE A 344 -4.97 32.80 15.24
C PHE A 344 -6.03 32.15 14.37
N PHE A 345 -6.39 30.92 14.72
CA PHE A 345 -7.52 30.24 14.10
C PHE A 345 -8.74 30.47 14.98
N CYS A 346 -9.76 31.14 14.43
CA CYS A 346 -10.94 31.50 15.22
C CYS A 346 -12.21 30.93 14.62
N VAL A 347 -13.18 30.61 15.47
CA VAL A 347 -14.50 30.24 14.98
C VAL A 347 -15.10 31.49 14.33
N ASN A 348 -15.97 31.28 13.35
CA ASN A 348 -16.50 32.40 12.59
C ASN A 348 -17.68 33.08 13.28
N THR A 349 -17.43 34.26 13.84
CA THR A 349 -18.50 35.06 14.43
C THR A 349 -18.87 36.21 13.52
N SER A 350 -19.53 35.89 12.41
CA SER A 350 -20.03 36.87 11.47
C SER A 350 -21.49 36.56 11.15
N PRO A 351 -22.24 37.54 10.64
CA PRO A 351 -23.65 37.30 10.29
C PRO A 351 -23.86 36.19 9.25
N PHE A 352 -22.79 35.71 8.64
CA PHE A 352 -22.88 34.62 7.67
C PHE A 352 -22.37 33.30 8.27
N CYS A 353 -22.27 33.26 9.59
CA CYS A 353 -21.73 32.09 10.29
C CYS A 353 -22.52 30.81 10.04
N GLY A 354 -21.84 29.81 9.51
CA GLY A 354 -22.46 28.51 9.25
C GLY A 354 -23.55 28.60 8.19
N LYS A 355 -23.21 29.21 7.07
CA LYS A 355 -24.15 29.33 5.95
C LYS A 355 -23.51 28.79 4.68
N GLU A 356 -22.24 28.42 4.78
CA GLU A 356 -21.50 27.84 3.66
C GLU A 356 -20.62 26.70 4.15
N GLY A 357 -20.39 26.65 5.46
CA GLY A 357 -19.59 25.61 6.06
C GLY A 357 -20.36 24.82 7.10
N LYS A 358 -20.18 23.50 7.08
CA LYS A 358 -20.93 22.61 7.97
C LYS A 358 -20.36 22.61 9.38
N PHE A 359 -19.04 22.74 9.47
CA PHE A 359 -18.34 22.61 10.75
C PHE A 359 -17.86 23.97 11.28
N VAL A 360 -18.45 24.42 12.38
CA VAL A 360 -18.15 25.75 12.89
C VAL A 360 -17.96 25.87 14.41
N THR A 361 -18.26 24.81 15.18
CA THR A 361 -18.23 25.04 16.62
C THR A 361 -16.77 25.10 17.08
N SER A 362 -16.56 25.59 18.30
CA SER A 362 -15.22 25.68 18.87
C SER A 362 -14.51 24.33 18.99
N ARG A 363 -15.28 23.26 19.24
CA ARG A 363 -14.72 21.92 19.45
C ARG A 363 -14.23 21.21 18.19
N GLN A 364 -14.96 21.31 17.09
CA GLN A 364 -14.53 20.69 15.82
C GLN A 364 -13.28 21.40 15.33
N ILE A 365 -13.18 22.70 15.64
CA ILE A 365 -11.99 23.48 15.38
C ILE A 365 -10.82 22.92 16.17
N LEU A 366 -10.96 22.93 17.49
CA LEU A 366 -9.92 22.44 18.39
C LEU A 366 -9.57 20.98 18.11
N ASP A 367 -10.55 20.18 17.70
CA ASP A 367 -10.33 18.77 17.39
C ASP A 367 -9.51 18.59 16.12
N ARG A 368 -9.98 19.18 15.02
CA ARG A 368 -9.31 19.07 13.73
C ARG A 368 -7.88 19.60 13.81
N LEU A 369 -7.68 20.68 14.56
CA LEU A 369 -6.35 21.23 14.76
C LEU A 369 -5.47 20.25 15.53
N ASN A 370 -6.04 19.63 16.56
CA ASN A 370 -5.33 18.64 17.36
C ASN A 370 -5.28 17.28 16.68
N LYS A 371 -5.54 17.25 15.38
CA LYS A 371 -5.47 16.03 14.60
C LYS A 371 -4.35 16.14 13.56
N GLU A 372 -4.06 17.37 13.15
CA GLU A 372 -2.94 17.62 12.26
C GLU A 372 -1.63 17.48 13.02
N LEU A 373 -1.74 17.31 14.33
CA LEU A 373 -0.58 17.23 15.22
C LEU A 373 0.19 15.91 15.09
N VAL A 374 -0.52 14.82 14.83
CA VAL A 374 0.13 13.52 14.71
C VAL A 374 0.99 13.46 13.45
N HIS A 375 0.49 14.02 12.35
CA HIS A 375 1.26 14.01 11.11
C HIS A 375 1.76 15.41 10.73
N ASN A 376 2.12 16.19 11.74
CA ASN A 376 2.89 17.43 11.56
C ASN A 376 3.45 17.88 12.90
N VAL A 377 4.77 18.04 12.95
CA VAL A 377 5.47 18.29 14.20
C VAL A 377 6.12 19.67 14.26
N ALA A 378 6.18 20.34 13.12
CA ALA A 378 6.58 21.74 13.10
C ALA A 378 5.43 22.58 13.63
N LEU A 379 4.26 21.95 13.69
CA LEU A 379 3.02 22.61 14.11
C LEU A 379 2.83 22.59 15.62
N ARG A 380 2.24 23.66 16.14
CA ARG A 380 1.81 23.73 17.54
C ARG A 380 0.41 24.31 17.60
N VAL A 381 -0.36 23.88 18.60
CA VAL A 381 -1.72 24.40 18.80
C VAL A 381 -1.98 24.69 20.27
N GLU A 382 -2.31 25.94 20.57
CA GLU A 382 -2.55 26.36 21.95
C GLU A 382 -3.96 26.88 22.15
N GLU A 383 -4.47 26.75 23.38
CA GLU A 383 -5.73 27.37 23.76
C GLU A 383 -5.47 28.80 24.20
N THR A 384 -6.46 29.67 24.04
CA THR A 384 -6.33 31.06 24.43
C THR A 384 -7.37 31.42 25.47
N GLU A 385 -7.28 32.64 26.01
CA GLU A 385 -8.28 33.14 26.95
C GLU A 385 -9.64 33.16 26.28
N ASP A 386 -9.66 33.56 25.01
CA ASP A 386 -10.85 33.46 24.18
C ASP A 386 -11.04 32.01 23.78
N ALA A 387 -12.12 31.39 24.27
CA ALA A 387 -12.38 29.98 23.99
C ALA A 387 -12.97 29.77 22.60
N ASP A 388 -12.83 30.76 21.74
CA ASP A 388 -13.26 30.66 20.35
C ASP A 388 -12.10 30.94 19.41
N ALA A 389 -10.90 31.03 19.97
CA ALA A 389 -9.70 31.31 19.20
C ALA A 389 -8.55 30.39 19.61
N PHE A 390 -7.72 30.02 18.65
CA PHE A 390 -6.59 29.13 18.92
C PHE A 390 -5.30 29.65 18.30
N ARG A 391 -4.20 29.50 19.04
CA ARG A 391 -2.89 29.95 18.57
C ARG A 391 -2.18 28.84 17.80
N VAL A 392 -2.28 28.90 16.48
CA VAL A 392 -1.66 27.90 15.63
C VAL A 392 -0.33 28.40 15.10
N SER A 393 0.73 27.63 15.34
CA SER A 393 2.07 28.00 14.90
C SER A 393 2.64 26.95 13.96
N GLY A 394 3.21 27.38 12.84
CA GLY A 394 3.79 26.48 11.87
C GLY A 394 5.19 26.89 11.44
N ARG A 395 5.75 26.16 10.49
CA ARG A 395 7.08 26.46 9.98
C ARG A 395 7.12 27.83 9.33
N GLY A 396 6.43 27.96 8.20
CA GLY A 396 6.34 29.23 7.50
C GLY A 396 4.90 29.66 7.30
N GLU A 397 4.70 30.78 6.62
CA GLU A 397 3.35 31.28 6.36
C GLU A 397 2.63 30.38 5.36
N LEU A 398 3.42 29.70 4.52
CA LEU A 398 2.87 28.82 3.49
C LEU A 398 2.30 27.55 4.10
N HIS A 399 2.95 27.07 5.16
CA HIS A 399 2.53 25.88 5.87
C HIS A 399 1.10 26.02 6.41
N LEU A 400 0.87 27.09 7.16
CA LEU A 400 -0.43 27.33 7.77
C LEU A 400 -1.51 27.57 6.72
N SER A 401 -1.10 28.04 5.55
CA SER A 401 -2.03 28.28 4.45
C SER A 401 -2.70 27.00 3.98
N VAL A 402 -1.89 25.97 3.73
CA VAL A 402 -2.43 24.71 3.22
C VAL A 402 -3.29 24.00 4.27
N LEU A 403 -3.03 24.27 5.55
CA LEU A 403 -3.83 23.70 6.62
C LEU A 403 -5.24 24.28 6.54
N ILE A 404 -5.32 25.59 6.32
CA ILE A 404 -6.59 26.27 6.14
C ILE A 404 -7.23 25.88 4.81
N GLU A 405 -6.43 25.93 3.75
CA GLU A 405 -6.93 25.75 2.39
C GLU A 405 -7.59 24.38 2.18
N ASN A 406 -7.19 23.39 2.97
CA ASN A 406 -7.86 22.09 2.88
C ASN A 406 -8.72 21.79 4.11
N MET A 407 -8.84 22.78 5.00
CA MET A 407 -9.92 22.76 5.99
C MET A 407 -11.15 23.34 5.31
N ARG A 408 -10.92 24.32 4.45
CA ARG A 408 -11.96 24.89 3.60
C ARG A 408 -12.67 23.79 2.83
N ARG A 409 -11.90 22.86 2.29
CA ARG A 409 -12.46 21.77 1.49
C ARG A 409 -13.12 20.69 2.35
N GLU A 410 -12.86 20.71 3.65
CA GLU A 410 -13.49 19.77 4.56
C GLU A 410 -14.90 20.21 4.93
N GLY A 411 -15.24 21.44 4.58
CA GLY A 411 -16.52 22.01 4.95
C GLY A 411 -16.40 22.85 6.21
N PHE A 412 -15.17 23.31 6.48
CA PHE A 412 -14.91 24.13 7.65
C PHE A 412 -15.14 25.61 7.38
N GLU A 413 -15.59 26.31 8.40
CA GLU A 413 -15.82 27.74 8.32
C GLU A 413 -15.15 28.42 9.51
N LEU A 414 -14.16 29.26 9.24
CA LEU A 414 -13.40 29.91 10.31
C LEU A 414 -12.75 31.21 9.84
N ALA A 415 -12.29 32.01 10.80
CA ALA A 415 -11.62 33.27 10.50
C ALA A 415 -10.21 33.27 11.10
N VAL A 416 -9.25 33.85 10.38
CA VAL A 416 -7.86 33.83 10.82
C VAL A 416 -7.24 35.22 10.86
N SER A 417 -6.24 35.37 11.73
CA SER A 417 -5.53 36.63 11.87
C SER A 417 -4.33 36.69 10.93
N ARG A 418 -3.69 37.86 10.86
CA ARG A 418 -2.47 38.01 10.07
C ARG A 418 -1.32 37.29 10.76
N PRO A 419 -0.55 36.50 10.00
CA PRO A 419 0.57 35.74 10.56
C PRO A 419 1.67 36.65 11.10
N LYS A 420 2.14 36.34 12.31
CA LYS A 420 3.24 37.07 12.92
C LYS A 420 4.38 36.14 13.27
N VAL A 421 5.58 36.70 13.41
CA VAL A 421 6.75 35.90 13.77
C VAL A 421 6.77 35.59 15.26
N ILE A 422 7.33 34.43 15.60
CA ILE A 422 7.49 34.05 16.99
C ILE A 422 8.85 34.51 17.51
N PHE A 423 8.85 35.61 18.26
CA PHE A 423 10.09 36.07 18.89
C PHE A 423 10.51 35.09 19.97
N ARG A 424 11.82 34.99 20.19
CA ARG A 424 12.35 34.08 21.20
C ARG A 424 13.49 34.72 21.98
N GLU A 425 13.36 34.73 23.31
CA GLU A 425 14.37 35.30 24.19
C GLU A 425 15.55 34.36 24.36
N ILE A 426 16.75 34.84 24.03
CA ILE A 426 17.97 34.07 24.20
C ILE A 426 19.07 34.93 24.79
N ASP A 427 19.53 34.56 25.99
CA ASP A 427 20.58 35.27 26.71
C ASP A 427 20.24 36.72 27.02
N GLY A 428 19.00 36.95 27.46
CA GLY A 428 18.55 38.29 27.78
C GLY A 428 18.29 39.15 26.55
N ARG A 429 18.62 38.60 25.38
CA ARG A 429 18.44 39.30 24.13
C ARG A 429 17.23 38.76 23.37
N LYS A 430 16.30 39.65 23.05
CA LYS A 430 15.14 39.27 22.24
C LYS A 430 15.58 38.99 20.81
N GLN A 431 15.12 37.88 20.25
CA GLN A 431 15.56 37.47 18.92
C GLN A 431 14.42 37.04 18.01
N GLU A 432 14.64 37.16 16.70
CA GLU A 432 13.64 36.80 15.69
C GLU A 432 14.26 35.91 14.62
N PRO A 433 13.43 35.14 13.89
CA PRO A 433 13.97 34.23 12.87
C PRO A 433 14.37 34.95 11.58
N TYR A 434 15.49 34.51 11.00
CA TYR A 434 15.95 35.03 9.71
C TYR A 434 15.91 33.94 8.65
N GLU A 435 15.71 34.34 7.40
CA GLU A 435 15.63 33.38 6.31
C GLU A 435 16.63 33.70 5.20
N ASN A 436 16.97 32.69 4.42
CA ASN A 436 17.75 32.88 3.19
C ASN A 436 16.81 32.92 2.00
N VAL A 437 16.77 34.07 1.31
CA VAL A 437 15.87 34.23 0.19
C VAL A 437 16.63 34.37 -1.13
N THR A 438 16.23 33.58 -2.11
CA THR A 438 16.81 33.63 -3.44
C THR A 438 15.73 34.00 -4.46
N LEU A 439 15.95 35.09 -5.18
CA LEU A 439 14.95 35.58 -6.13
C LEU A 439 15.47 35.54 -7.56
N ASP A 440 14.58 35.29 -8.50
CA ASP A 440 14.92 35.28 -9.92
C ASP A 440 13.96 36.18 -10.69
N VAL A 441 14.44 37.36 -11.07
CA VAL A 441 13.59 38.34 -11.75
C VAL A 441 14.14 38.74 -13.11
N GLU A 442 13.26 39.24 -13.97
CA GLU A 442 13.69 39.91 -15.19
C GLU A 442 14.44 41.16 -14.79
N GLU A 443 15.42 41.56 -15.60
CA GLU A 443 16.25 42.71 -15.27
C GLU A 443 15.46 44.01 -15.22
N GLN A 444 14.26 44.01 -15.81
CA GLN A 444 13.39 45.18 -15.81
C GLN A 444 12.67 45.33 -14.46
N HIS A 445 12.91 44.38 -13.55
CA HIS A 445 12.27 44.43 -12.23
C HIS A 445 13.30 44.52 -11.11
N GLN A 446 14.58 44.37 -11.46
CA GLN A 446 15.66 44.27 -10.48
C GLN A 446 15.69 45.44 -9.49
N GLY A 447 15.72 46.66 -10.01
CA GLY A 447 15.76 47.83 -9.15
C GLY A 447 14.53 47.97 -8.28
N SER A 448 13.39 47.51 -8.78
CA SER A 448 12.14 47.58 -8.05
C SER A 448 12.10 46.55 -6.92
N VAL A 449 12.52 45.33 -7.23
CA VAL A 449 12.53 44.24 -6.26
C VAL A 449 13.52 44.52 -5.13
N MET A 450 14.69 45.02 -5.50
CA MET A 450 15.74 45.34 -4.53
C MET A 450 15.29 46.35 -3.49
N GLN A 451 14.75 47.47 -3.96
CA GLN A 451 14.30 48.55 -3.07
C GLN A 451 13.22 48.06 -2.12
N ALA A 452 12.32 47.22 -2.62
CA ALA A 452 11.25 46.66 -1.82
C ALA A 452 11.79 45.81 -0.68
N LEU A 453 12.77 44.98 -0.99
CA LEU A 453 13.39 44.11 0.00
C LEU A 453 14.21 44.90 1.01
N GLY A 454 14.79 46.01 0.55
CA GLY A 454 15.53 46.90 1.44
C GLY A 454 14.61 47.53 2.45
N GLU A 455 13.40 47.88 2.02
CA GLU A 455 12.38 48.43 2.90
C GLU A 455 11.95 47.40 3.94
N ARG A 456 12.05 46.13 3.56
CA ARG A 456 11.64 45.03 4.43
C ARG A 456 12.83 44.42 5.18
N LYS A 457 13.85 45.25 5.42
CA LYS A 457 15.04 44.85 6.18
C LYS A 457 15.83 43.73 5.54
N GLY A 458 15.95 43.76 4.21
CA GLY A 458 16.70 42.74 3.49
C GLY A 458 18.14 43.14 3.28
N ASP A 459 19.06 42.21 3.54
CA ASP A 459 20.48 42.45 3.29
C ASP A 459 20.95 41.71 2.05
N LEU A 460 21.30 42.47 1.02
CA LEU A 460 21.77 41.89 -0.23
C LEU A 460 23.12 41.21 -0.05
N LYS A 461 23.18 39.93 -0.37
CA LYS A 461 24.40 39.15 -0.18
C LYS A 461 25.02 38.74 -1.51
N ASN A 462 24.23 38.77 -2.57
CA ASN A 462 24.71 38.42 -3.91
C ASN A 462 23.74 38.81 -5.01
N MET A 463 24.28 39.06 -6.19
CA MET A 463 23.46 39.22 -7.39
C MET A 463 24.22 38.61 -8.57
N ASN A 464 23.51 37.92 -9.45
CA ASN A 464 24.16 37.13 -10.49
C ASN A 464 23.28 36.99 -11.74
N PRO A 465 23.54 37.83 -12.75
CA PRO A 465 22.76 37.91 -13.99
C PRO A 465 22.78 36.64 -14.84
N ASP A 466 21.63 36.34 -15.44
CA ASP A 466 21.49 35.25 -16.40
C ASP A 466 22.45 35.41 -17.56
N GLY A 467 22.61 36.65 -18.01
CA GLY A 467 23.33 36.95 -19.23
C GLY A 467 22.35 36.86 -20.38
N LYS A 468 21.12 36.49 -20.06
CA LYS A 468 20.08 36.29 -21.06
C LYS A 468 18.80 37.04 -20.69
N GLY A 469 18.91 38.00 -19.78
CA GLY A 469 17.78 38.85 -19.46
C GLY A 469 17.31 38.82 -18.02
N ARG A 470 17.56 37.73 -17.31
CA ARG A 470 17.13 37.60 -15.93
C ARG A 470 18.31 37.71 -14.97
N VAL A 471 18.03 37.68 -13.67
CA VAL A 471 19.07 37.83 -12.67
C VAL A 471 18.66 37.20 -11.34
N ARG A 472 19.61 36.58 -10.66
CA ARG A 472 19.34 36.00 -9.35
C ARG A 472 19.87 36.88 -8.23
N LEU A 473 19.03 37.10 -7.21
CA LEU A 473 19.42 37.88 -6.05
C LEU A 473 19.39 37.01 -4.79
N ASP A 474 20.34 37.24 -3.90
CA ASP A 474 20.38 36.51 -2.64
C ASP A 474 20.28 37.46 -1.45
N TYR A 475 19.39 37.14 -0.52
CA TYR A 475 19.14 37.99 0.64
C TYR A 475 19.15 37.24 1.96
N VAL A 476 19.62 37.92 3.00
CA VAL A 476 19.34 37.51 4.37
C VAL A 476 18.30 38.48 4.93
N ILE A 477 17.17 37.94 5.34
CA ILE A 477 16.04 38.77 5.75
C ILE A 477 15.31 38.12 6.92
N PRO A 478 14.84 38.94 7.87
CA PRO A 478 13.99 38.35 8.90
C PRO A 478 12.64 37.94 8.33
N SER A 479 12.04 36.88 8.87
CA SER A 479 10.73 36.43 8.42
C SER A 479 9.69 37.53 8.56
N ARG A 480 9.94 38.40 9.55
CA ARG A 480 9.10 39.55 9.84
C ARG A 480 8.90 40.43 8.61
N GLY A 481 9.96 40.61 7.83
CA GLY A 481 9.90 41.45 6.65
C GLY A 481 9.55 40.72 5.37
N LEU A 482 9.53 39.40 5.42
CA LEU A 482 9.25 38.61 4.22
C LEU A 482 7.79 38.16 4.17
N ILE A 483 7.11 38.24 5.31
CA ILE A 483 5.70 37.87 5.38
C ILE A 483 4.85 38.74 4.46
N GLY A 484 4.11 38.09 3.58
CA GLY A 484 3.21 38.79 2.66
C GLY A 484 3.92 39.42 1.49
N PHE A 485 5.22 39.21 1.36
CA PHE A 485 5.96 39.79 0.26
C PHE A 485 5.67 39.06 -1.06
N ARG A 486 5.35 37.77 -0.94
CA ARG A 486 5.15 36.91 -2.11
C ARG A 486 4.06 37.43 -3.04
N SER A 487 2.97 37.92 -2.47
CA SER A 487 1.87 38.48 -3.25
C SER A 487 2.29 39.74 -3.99
N GLU A 488 2.88 40.68 -3.26
CA GLU A 488 3.40 41.91 -3.85
C GLU A 488 4.39 41.60 -4.96
N PHE A 489 5.36 40.77 -4.64
CA PHE A 489 6.41 40.38 -5.58
C PHE A 489 5.85 39.88 -6.90
N MET A 490 4.91 38.93 -6.84
CA MET A 490 4.35 38.31 -8.04
C MET A 490 3.66 39.31 -8.98
N THR A 491 2.96 40.28 -8.41
CA THR A 491 2.33 41.32 -9.23
C THR A 491 3.38 42.33 -9.69
N MET A 492 4.25 42.71 -8.77
CA MET A 492 5.35 43.64 -9.05
C MET A 492 6.26 43.12 -10.16
N THR A 493 6.45 41.81 -10.20
CA THR A 493 7.30 41.19 -11.21
C THR A 493 6.50 40.79 -12.45
N SER A 494 5.22 41.14 -12.45
CA SER A 494 4.31 40.82 -13.55
C SER A 494 4.15 39.31 -13.75
N GLY A 495 4.42 38.54 -12.69
CA GLY A 495 4.19 37.11 -12.71
C GLY A 495 5.37 36.26 -13.16
N THR A 496 6.45 36.92 -13.56
CA THR A 496 7.61 36.22 -14.10
C THR A 496 8.57 35.74 -13.01
N GLY A 497 8.59 36.48 -11.90
CA GLY A 497 9.55 36.25 -10.84
C GLY A 497 9.41 34.94 -10.10
N LEU A 498 10.54 34.45 -9.58
CA LEU A 498 10.56 33.26 -8.76
C LEU A 498 11.20 33.59 -7.42
N LEU A 499 10.63 33.06 -6.34
CA LEU A 499 11.12 33.35 -5.00
C LEU A 499 11.17 32.07 -4.17
N TYR A 500 12.28 31.86 -3.48
CA TYR A 500 12.44 30.67 -2.64
C TYR A 500 13.09 31.04 -1.31
N SER A 501 12.51 30.55 -0.22
CA SER A 501 12.97 30.89 1.11
C SER A 501 13.39 29.67 1.91
N THR A 502 14.35 29.86 2.82
CA THR A 502 14.82 28.80 3.69
C THR A 502 15.22 29.39 5.04
N PHE A 503 14.74 28.79 6.12
CA PHE A 503 15.10 29.25 7.46
C PHE A 503 16.60 29.14 7.67
N SER A 504 17.17 30.20 8.23
CA SER A 504 18.62 30.30 8.40
C SER A 504 19.02 30.16 9.87
N HIS A 505 18.57 31.11 10.68
CA HIS A 505 18.95 31.16 12.09
C HIS A 505 18.14 32.23 12.83
N TYR A 506 18.11 32.13 14.15
CA TYR A 506 17.63 33.22 14.98
C TYR A 506 18.78 34.17 15.24
N ASP A 507 18.46 35.44 15.43
CA ASP A 507 19.46 36.46 15.72
C ASP A 507 18.77 37.65 16.36
N ASP A 508 19.55 38.57 16.92
CA ASP A 508 19.00 39.76 17.56
C ASP A 508 18.11 40.52 16.58
N VAL A 509 16.95 40.98 17.07
CA VAL A 509 15.99 41.63 16.20
C VAL A 509 16.54 42.91 15.59
N ARG A 510 16.22 43.14 14.32
CA ARG A 510 16.57 44.39 13.68
C ARG A 510 15.61 45.46 14.15
N PRO A 511 16.15 46.55 14.73
CA PRO A 511 15.30 47.60 15.29
C PRO A 511 14.46 48.30 14.22
N GLY A 512 13.23 48.63 14.56
CA GLY A 512 12.33 49.28 13.62
C GLY A 512 11.16 48.39 13.24
N GLU A 513 10.38 48.86 12.28
CA GLU A 513 9.22 48.12 11.83
C GLU A 513 9.19 47.99 10.31
N VAL A 514 8.40 47.04 9.82
CA VAL A 514 8.18 46.90 8.39
C VAL A 514 7.09 47.87 7.95
N GLY A 515 7.23 48.42 6.76
CA GLY A 515 6.24 49.32 6.21
C GLY A 515 4.83 48.76 6.27
N GLN A 516 3.94 49.48 6.95
CA GLN A 516 2.57 49.05 7.12
C GLN A 516 1.78 49.25 5.83
N ARG A 517 0.55 48.76 5.79
CA ARG A 517 -0.31 48.97 4.63
C ARG A 517 -0.58 50.46 4.48
N GLN A 518 -0.28 50.99 3.30
CA GLN A 518 -0.42 52.42 3.08
C GLN A 518 -1.87 52.86 2.96
N ASN A 519 -2.69 52.05 2.28
CA ASN A 519 -4.09 52.39 2.06
C ASN A 519 -5.00 51.90 3.19
N GLY A 520 -6.02 52.68 3.48
CA GLY A 520 -7.07 52.26 4.38
C GLY A 520 -8.05 51.39 3.60
N VAL A 521 -9.11 50.94 4.27
CA VAL A 521 -10.09 50.09 3.61
C VAL A 521 -11.47 50.74 3.56
N LEU A 522 -12.31 50.24 2.66
CA LEU A 522 -13.71 50.65 2.61
C LEU A 522 -14.53 49.62 3.38
N ILE A 523 -15.25 50.08 4.39
CA ILE A 523 -15.99 49.17 5.27
C ILE A 523 -17.50 49.36 5.10
N SER A 524 -18.20 48.26 4.85
CA SER A 524 -19.64 48.30 4.71
C SER A 524 -20.31 48.72 6.02
N ASN A 525 -21.37 49.51 5.90
CA ASN A 525 -22.06 50.02 7.08
C ASN A 525 -23.29 49.21 7.45
N GLY A 526 -23.73 48.37 6.52
CA GLY A 526 -24.95 47.58 6.73
C GLY A 526 -24.92 46.21 6.08
N GLN A 527 -26.02 45.49 6.21
CA GLN A 527 -26.14 44.15 5.67
C GLN A 527 -27.18 44.07 4.57
N GLY A 528 -26.81 43.43 3.46
CA GLY A 528 -27.70 43.32 2.31
C GLY A 528 -26.92 43.14 1.02
N LYS A 529 -27.62 43.05 -0.10
CA LYS A 529 -26.99 42.86 -1.40
C LYS A 529 -26.53 44.19 -1.99
N ALA A 530 -25.27 44.24 -2.43
CA ALA A 530 -24.68 45.46 -2.96
C ALA A 530 -25.30 45.84 -4.30
N VAL A 531 -25.80 47.08 -4.39
CA VAL A 531 -26.39 47.55 -5.64
C VAL A 531 -25.39 48.37 -6.45
N ALA A 532 -25.50 48.29 -7.76
CA ALA A 532 -24.52 48.90 -8.66
C ALA A 532 -24.56 50.43 -8.64
N PHE A 533 -25.72 50.98 -8.26
CA PHE A 533 -25.88 52.43 -8.18
C PHE A 533 -24.97 53.02 -7.09
N ALA A 534 -24.65 52.20 -6.10
CA ALA A 534 -23.78 52.63 -5.00
C ALA A 534 -22.31 52.37 -5.31
N LEU A 535 -22.04 51.23 -5.92
CA LEU A 535 -20.67 50.82 -6.21
C LEU A 535 -20.00 51.73 -7.23
N PHE A 536 -20.79 52.29 -8.13
CA PHE A 536 -20.28 53.22 -9.13
C PHE A 536 -19.82 54.51 -8.46
N GLY A 537 -20.42 54.83 -7.33
CA GLY A 537 -20.04 56.00 -6.56
C GLY A 537 -18.88 55.70 -5.62
N LEU A 538 -18.71 54.44 -5.27
CA LEU A 538 -17.65 54.03 -4.35
C LEU A 538 -16.31 53.88 -5.06
N GLN A 539 -16.33 53.55 -6.34
CA GLN A 539 -15.10 53.36 -7.11
C GLN A 539 -14.48 54.71 -7.47
N ASP A 540 -15.12 55.78 -7.02
CA ASP A 540 -14.57 57.13 -7.13
C ASP A 540 -13.57 57.36 -6.01
N ARG A 541 -13.54 56.42 -5.06
CA ARG A 541 -12.71 56.55 -3.87
C ARG A 541 -11.79 55.35 -3.64
N GLY A 542 -11.63 54.53 -4.67
CA GLY A 542 -10.75 53.37 -4.57
C GLY A 542 -11.26 52.15 -5.32
N LYS A 543 -10.52 51.05 -5.22
CA LYS A 543 -10.89 49.81 -5.89
C LYS A 543 -11.79 48.95 -5.02
N LEU A 544 -12.71 48.23 -5.65
CA LEU A 544 -13.68 47.41 -4.92
C LEU A 544 -13.32 45.94 -4.94
N PHE A 545 -13.95 45.17 -4.05
CA PHE A 545 -13.75 43.73 -3.99
C PHE A 545 -14.93 42.98 -4.58
N LEU A 546 -15.99 43.71 -4.93
CA LEU A 546 -17.22 43.07 -5.39
C LEU A 546 -18.02 43.94 -6.37
N GLY A 547 -18.85 43.28 -7.17
CA GLY A 547 -19.72 43.97 -8.11
C GLY A 547 -21.19 43.88 -7.73
N HIS A 548 -22.07 43.87 -8.73
CA HIS A 548 -23.52 43.85 -8.52
C HIS A 548 -24.00 42.69 -7.65
N GLY A 549 -24.91 43.00 -6.74
CA GLY A 549 -25.66 42.00 -6.00
C GLY A 549 -24.91 41.04 -5.10
N ALA A 550 -23.71 41.42 -4.64
CA ALA A 550 -22.98 40.56 -3.72
C ALA A 550 -23.53 40.71 -2.31
N GLU A 551 -23.76 39.60 -1.62
CA GLU A 551 -24.25 39.63 -0.25
C GLU A 551 -23.17 40.15 0.69
N VAL A 552 -23.55 41.06 1.57
CA VAL A 552 -22.60 41.80 2.39
C VAL A 552 -23.19 42.08 3.78
N TYR A 553 -22.34 42.07 4.81
CA TYR A 553 -22.77 42.48 6.14
C TYR A 553 -21.95 43.66 6.67
N GLU A 554 -22.29 44.11 7.87
CA GLU A 554 -21.63 45.27 8.48
C GLU A 554 -20.27 44.89 9.08
N GLY A 555 -19.25 45.70 8.75
CA GLY A 555 -17.91 45.45 9.24
C GLY A 555 -17.05 44.76 8.22
N GLN A 556 -17.69 44.24 7.16
CA GLN A 556 -16.98 43.59 6.08
C GLN A 556 -16.21 44.60 5.24
N ILE A 557 -14.95 44.31 4.98
CA ILE A 557 -14.13 45.16 4.12
C ILE A 557 -14.49 44.90 2.67
N ILE A 558 -15.03 45.92 2.00
CA ILE A 558 -15.56 45.76 0.64
C ILE A 558 -14.67 46.38 -0.42
N GLY A 559 -13.58 47.03 0.00
CA GLY A 559 -12.69 47.65 -0.96
C GLY A 559 -11.46 48.32 -0.37
N ILE A 560 -10.59 48.81 -1.25
CA ILE A 560 -9.37 49.49 -0.85
C ILE A 560 -9.50 51.00 -1.05
N HIS A 561 -9.35 51.74 0.04
CA HIS A 561 -9.44 53.20 -0.01
C HIS A 561 -8.25 53.78 -0.76
N SER A 562 -8.50 54.81 -1.56
CA SER A 562 -7.44 55.46 -2.32
C SER A 562 -6.52 56.26 -1.40
N ARG A 563 -6.94 56.41 -0.15
CA ARG A 563 -6.16 57.13 0.84
C ARG A 563 -5.88 56.26 2.07
N SER A 564 -5.20 56.82 3.06
CA SER A 564 -4.63 56.03 4.15
C SER A 564 -5.62 55.65 5.25
N ASN A 565 -6.61 56.50 5.50
CA ASN A 565 -7.56 56.23 6.58
C ASN A 565 -8.66 55.27 6.16
N ASP A 566 -9.29 54.63 7.14
CA ASP A 566 -10.43 53.76 6.87
C ASP A 566 -11.68 54.59 6.61
N LEU A 567 -12.57 54.08 5.77
CA LEU A 567 -13.81 54.78 5.47
C LEU A 567 -15.01 53.85 5.49
N THR A 568 -15.98 54.18 6.34
CA THR A 568 -17.23 53.43 6.41
C THR A 568 -18.21 53.97 5.37
N VAL A 569 -18.61 53.12 4.44
CA VAL A 569 -19.46 53.56 3.34
C VAL A 569 -20.73 52.72 3.17
N ASN A 570 -21.57 53.14 2.23
CA ASN A 570 -22.86 52.49 1.98
C ASN A 570 -22.94 51.94 0.57
N CYS A 571 -22.93 50.62 0.44
CA CYS A 571 -23.00 49.98 -0.87
C CYS A 571 -24.35 49.32 -1.08
N LEU A 572 -25.36 49.82 -0.38
CA LEU A 572 -26.71 49.26 -0.46
C LEU A 572 -27.71 50.28 -0.97
N THR A 573 -27.25 51.52 -1.14
CA THR A 573 -28.13 52.63 -1.46
C THR A 573 -28.16 52.95 -2.95
N VAL A 590 -20.83 48.78 -16.66
CA VAL A 590 -21.06 49.98 -15.85
C VAL A 590 -20.15 50.02 -14.63
N LEU A 591 -19.33 48.97 -14.48
CA LEU A 591 -18.45 48.86 -13.32
C LEU A 591 -17.08 48.28 -13.67
N VAL A 592 -16.04 48.74 -12.99
CA VAL A 592 -14.71 48.18 -13.11
C VAL A 592 -14.68 46.80 -12.47
N PRO A 593 -14.03 45.83 -13.15
CA PRO A 593 -13.86 44.49 -12.59
C PRO A 593 -13.29 44.50 -11.18
N PRO A 594 -14.01 43.88 -10.22
CA PRO A 594 -13.61 43.86 -8.82
C PRO A 594 -12.32 43.07 -8.59
N ILE A 595 -11.51 43.51 -7.65
CA ILE A 595 -10.34 42.75 -7.25
C ILE A 595 -10.78 41.51 -6.49
N ARG A 596 -10.49 40.34 -7.05
CA ARG A 596 -10.77 39.09 -6.36
C ARG A 596 -9.47 38.53 -5.81
N MET A 597 -9.45 38.23 -4.52
CA MET A 597 -8.21 37.84 -3.85
C MET A 597 -8.16 36.38 -3.44
N THR A 598 -7.06 35.72 -3.79
CA THR A 598 -6.77 34.38 -3.31
C THR A 598 -6.53 34.45 -1.80
N LEU A 599 -6.53 33.29 -1.15
CA LEU A 599 -6.30 33.22 0.29
C LEU A 599 -4.93 33.81 0.65
N GLU A 600 -3.94 33.54 -0.19
CA GLU A 600 -2.60 34.07 0.00
C GLU A 600 -2.62 35.60 -0.07
N GLN A 601 -3.27 36.13 -1.09
CA GLN A 601 -3.37 37.57 -1.28
C GLN A 601 -4.13 38.24 -0.13
N ALA A 602 -5.17 37.57 0.35
CA ALA A 602 -6.00 38.11 1.43
C ALA A 602 -5.24 38.13 2.75
N LEU A 603 -4.42 37.11 2.98
CA LEU A 603 -3.63 37.02 4.20
C LEU A 603 -2.50 38.03 4.20
N GLU A 604 -2.06 38.43 3.01
CA GLU A 604 -1.07 39.49 2.88
C GLU A 604 -1.69 40.85 3.16
N PHE A 605 -2.94 41.00 2.75
CA PHE A 605 -3.62 42.29 2.79
C PHE A 605 -3.95 42.78 4.19
N ILE A 606 -4.61 41.93 4.99
CA ILE A 606 -5.19 42.36 6.26
C ILE A 606 -4.19 42.92 7.26
N ASP A 607 -4.68 43.82 8.11
CA ASP A 607 -3.87 44.44 9.16
C ASP A 607 -4.09 43.71 10.48
N ASP A 608 -3.69 44.33 11.59
CA ASP A 608 -3.78 43.70 12.89
C ASP A 608 -5.18 43.77 13.50
N ASP A 609 -5.99 44.70 13.01
CA ASP A 609 -7.36 44.84 13.49
C ASP A 609 -8.34 44.22 12.51
N GLU A 610 -7.86 43.25 11.75
CA GLU A 610 -8.66 42.62 10.70
C GLU A 610 -8.51 41.10 10.69
N LEU A 611 -9.45 40.43 10.03
CA LEU A 611 -9.42 38.98 9.91
C LEU A 611 -9.76 38.56 8.48
N VAL A 612 -9.46 37.32 8.15
CA VAL A 612 -9.88 36.74 6.87
C VAL A 612 -10.93 35.68 7.13
N GLU A 613 -12.17 35.95 6.74
CA GLU A 613 -13.24 34.97 6.88
C GLU A 613 -13.14 33.93 5.77
N VAL A 614 -13.03 32.66 6.16
CA VAL A 614 -12.82 31.59 5.20
C VAL A 614 -13.91 30.52 5.25
N THR A 615 -14.55 30.30 4.10
CA THR A 615 -15.56 29.27 3.96
C THR A 615 -15.19 28.39 2.76
N PRO A 616 -15.77 27.17 2.67
CA PRO A 616 -15.47 26.26 1.56
C PRO A 616 -15.55 26.90 0.16
N THR A 617 -16.37 27.92 0.01
CA THR A 617 -16.59 28.51 -1.31
C THR A 617 -16.32 30.01 -1.36
N SER A 618 -15.96 30.61 -0.22
CA SER A 618 -15.77 32.05 -0.17
C SER A 618 -14.61 32.51 0.69
N ILE A 619 -14.12 33.70 0.39
CA ILE A 619 -13.15 34.39 1.24
C ILE A 619 -13.56 35.85 1.38
N ARG A 620 -13.94 36.23 2.58
CA ARG A 620 -14.30 37.61 2.86
C ARG A 620 -13.32 38.25 3.84
N ILE A 621 -13.17 39.56 3.74
CA ILE A 621 -12.28 40.28 4.64
C ILE A 621 -13.10 41.23 5.51
N ARG A 622 -12.84 41.21 6.81
CA ARG A 622 -13.63 41.97 7.76
C ARG A 622 -12.78 42.56 8.88
N LYS A 623 -13.28 43.65 9.47
CA LYS A 623 -12.65 44.22 10.65
C LYS A 623 -12.91 43.33 11.85
N ARG A 624 -12.00 43.37 12.82
CA ARG A 624 -12.15 42.61 14.05
C ARG A 624 -13.42 43.07 14.78
N HIS A 625 -13.56 44.39 14.91
CA HIS A 625 -14.77 44.98 15.47
C HIS A 625 -15.70 45.39 14.33
N LEU A 626 -16.90 44.81 14.30
CA LEU A 626 -17.78 44.93 13.15
C LEU A 626 -18.47 46.29 13.04
N THR A 627 -19.02 46.79 14.14
CA THR A 627 -19.69 48.08 14.11
C THR A 627 -18.67 49.21 14.13
N GLU A 628 -19.02 50.34 13.53
CA GLU A 628 -18.12 51.50 13.50
C GLU A 628 -17.96 52.09 14.90
N ASN A 629 -18.96 51.87 15.75
CA ASN A 629 -18.92 52.35 17.12
C ASN A 629 -17.86 51.63 17.94
N ASP A 630 -17.81 50.31 17.78
CA ASP A 630 -16.84 49.48 18.49
C ASP A 630 -15.40 49.84 18.12
N ARG A 631 -15.18 50.10 16.84
CA ARG A 631 -13.86 50.44 16.34
C ARG A 631 -13.39 51.80 16.88
N ARG A 632 -14.26 52.80 16.78
CA ARG A 632 -13.93 54.14 17.26
C ARG A 632 -13.70 54.15 18.76
N ARG A 633 -14.40 53.27 19.47
CA ARG A 633 -14.24 53.14 20.91
C ARG A 633 -12.85 52.61 21.27
N ALA A 634 -12.27 51.86 20.34
CA ALA A 634 -10.93 51.31 20.54
C ALA A 634 -9.86 52.35 20.19
N ASN A 635 -10.08 53.58 20.62
CA ASN A 635 -9.16 54.69 20.41
C ASN A 635 -9.60 55.92 21.18
N MET B 35 -37.29 1.27 11.40
CA MET B 35 -36.47 2.44 11.16
C MET B 35 -34.98 2.11 11.20
N ILE B 36 -34.19 2.88 10.45
CA ILE B 36 -32.74 2.76 10.39
C ILE B 36 -32.25 1.46 9.76
N GLU B 37 -33.13 0.78 9.03
CA GLU B 37 -32.72 -0.40 8.26
C GLU B 37 -32.81 -0.13 6.76
N LYS B 38 -32.23 1.00 6.35
CA LYS B 38 -32.06 1.31 4.94
C LYS B 38 -30.69 0.81 4.49
N LEU B 39 -30.10 -0.07 5.31
CA LEU B 39 -28.78 -0.60 5.06
C LEU B 39 -28.80 -1.80 4.13
N ARG B 40 -27.83 -1.84 3.21
CA ARG B 40 -27.64 -2.98 2.34
C ARG B 40 -26.16 -3.33 2.24
N ASN B 41 -25.77 -4.45 2.85
CA ASN B 41 -24.39 -4.91 2.74
C ASN B 41 -24.28 -6.06 1.75
N ILE B 42 -23.55 -5.81 0.67
CA ILE B 42 -23.44 -6.79 -0.41
C ILE B 42 -22.00 -6.90 -0.92
N ALA B 43 -21.58 -8.12 -1.21
CA ALA B 43 -20.25 -8.35 -1.77
C ALA B 43 -20.34 -8.43 -3.30
N ILE B 44 -19.25 -8.07 -3.97
CA ILE B 44 -19.25 -8.10 -5.43
C ILE B 44 -18.24 -9.11 -5.97
N ILE B 45 -18.71 -9.95 -6.89
CA ILE B 45 -17.87 -10.95 -7.53
C ILE B 45 -17.78 -10.69 -9.03
N ALA B 46 -16.57 -10.72 -9.57
CA ALA B 46 -16.38 -10.54 -11.00
C ALA B 46 -15.02 -11.04 -11.46
N HIS B 47 -14.99 -11.58 -12.67
CA HIS B 47 -13.73 -11.86 -13.33
C HIS B 47 -13.01 -10.54 -13.52
N VAL B 48 -11.68 -10.57 -13.47
CA VAL B 48 -10.88 -9.35 -13.48
C VAL B 48 -11.12 -8.51 -14.76
N ASP B 49 -11.60 -9.16 -15.81
CA ASP B 49 -11.82 -8.47 -17.08
C ASP B 49 -13.27 -8.05 -17.32
N HIS B 50 -14.14 -8.29 -16.34
CA HIS B 50 -15.57 -8.03 -16.54
C HIS B 50 -16.05 -6.76 -15.83
N GLY B 51 -15.11 -5.83 -15.61
CA GLY B 51 -15.42 -4.47 -15.21
C GLY B 51 -16.31 -4.23 -14.01
N LYS B 52 -15.92 -4.75 -12.85
CA LYS B 52 -16.64 -4.46 -11.62
C LYS B 52 -16.22 -3.11 -11.06
N THR B 53 -15.04 -2.66 -11.46
CA THR B 53 -14.53 -1.35 -11.05
C THR B 53 -15.30 -0.24 -11.76
N THR B 54 -15.62 -0.47 -13.02
CA THR B 54 -16.40 0.50 -13.79
C THR B 54 -17.84 0.53 -13.32
N LEU B 55 -18.39 -0.63 -12.97
CA LEU B 55 -19.76 -0.74 -12.49
C LEU B 55 -19.95 0.00 -11.18
N VAL B 56 -19.08 -0.27 -10.22
CA VAL B 56 -19.15 0.38 -8.91
C VAL B 56 -18.95 1.88 -9.03
N ASP B 57 -18.09 2.30 -9.95
CA ASP B 57 -17.80 3.71 -10.15
C ASP B 57 -18.99 4.45 -10.76
N LYS B 58 -19.76 3.75 -11.58
CA LYS B 58 -20.96 4.33 -12.18
C LYS B 58 -22.06 4.47 -11.12
N LEU B 59 -22.15 3.49 -10.24
CA LEU B 59 -23.11 3.52 -9.14
C LEU B 59 -22.73 4.61 -8.14
N LEU B 60 -21.45 4.94 -8.08
CA LEU B 60 -20.96 5.95 -7.15
C LEU B 60 -21.26 7.36 -7.64
N GLN B 61 -20.99 7.62 -8.92
CA GLN B 61 -21.15 8.95 -9.48
C GLN B 61 -22.62 9.31 -9.72
N GLN B 62 -23.45 8.31 -9.97
CA GLN B 62 -24.86 8.54 -10.24
C GLN B 62 -25.70 8.48 -8.96
N SER B 63 -25.13 8.97 -7.87
CA SER B 63 -25.81 8.93 -6.58
C SER B 63 -25.48 10.18 -5.75
N GLY B 64 -26.29 10.43 -4.73
CA GLY B 64 -26.13 11.60 -3.89
C GLY B 64 -25.21 11.37 -2.70
N THR B 65 -24.03 10.83 -2.97
CA THR B 65 -23.04 10.59 -1.93
C THR B 65 -21.74 11.35 -2.23
N ILE B 90 -8.23 0.59 -9.02
CA ILE B 90 -8.45 -0.61 -8.22
C ILE B 90 -9.57 -0.37 -7.20
N LEU B 91 -10.47 -1.34 -7.10
CA LEU B 91 -11.65 -1.23 -6.24
C LEU B 91 -11.30 -0.99 -4.77
N ALA B 92 -12.00 -0.06 -4.15
CA ALA B 92 -11.87 0.13 -2.71
C ALA B 92 -12.42 -1.10 -2.00
N LYS B 93 -11.77 -1.49 -0.91
CA LYS B 93 -12.15 -2.68 -0.16
C LYS B 93 -13.63 -2.64 0.21
N ASN B 94 -14.09 -1.48 0.66
CA ASN B 94 -15.52 -1.23 0.84
C ASN B 94 -15.91 0.11 0.23
N THR B 95 -16.95 0.08 -0.60
CA THR B 95 -17.45 1.29 -1.23
C THR B 95 -18.83 1.63 -0.69
N ALA B 96 -18.92 2.75 0.04
CA ALA B 96 -20.17 3.16 0.67
C ALA B 96 -20.97 4.11 -0.21
N ILE B 97 -22.18 3.69 -0.56
CA ILE B 97 -23.03 4.47 -1.46
C ILE B 97 -24.35 4.87 -0.80
N LYS B 98 -24.70 6.15 -0.94
CA LYS B 98 -26.00 6.65 -0.52
C LYS B 98 -26.91 6.86 -1.72
N TRP B 99 -27.93 6.01 -1.86
CA TRP B 99 -28.92 6.16 -2.91
C TRP B 99 -30.29 6.34 -2.26
N ASN B 100 -30.95 7.45 -2.57
CA ASN B 100 -32.11 7.90 -1.81
C ASN B 100 -31.73 7.98 -0.33
N ASP B 101 -32.49 7.32 0.53
CA ASP B 101 -32.15 7.26 1.94
C ASP B 101 -31.53 5.92 2.31
N TYR B 102 -31.14 5.16 1.30
CA TYR B 102 -30.52 3.85 1.52
C TYR B 102 -29.01 3.95 1.60
N ARG B 103 -28.42 3.17 2.50
CA ARG B 103 -26.98 3.04 2.58
C ARG B 103 -26.56 1.67 2.03
N ILE B 104 -25.76 1.69 0.96
CA ILE B 104 -25.34 0.46 0.31
C ILE B 104 -23.84 0.24 0.41
N ASN B 105 -23.46 -0.82 1.13
CA ASN B 105 -22.05 -1.19 1.23
C ASN B 105 -21.69 -2.26 0.21
N ILE B 106 -20.79 -1.92 -0.70
CA ILE B 106 -20.31 -2.90 -1.68
C ILE B 106 -18.89 -3.35 -1.32
N VAL B 107 -18.81 -4.48 -0.63
CA VAL B 107 -17.52 -5.02 -0.19
C VAL B 107 -16.87 -5.83 -1.30
N ASP B 108 -15.62 -5.50 -1.61
CA ASP B 108 -14.89 -6.17 -2.67
C ASP B 108 -14.43 -7.57 -2.23
N THR B 109 -14.32 -8.47 -3.19
CA THR B 109 -13.82 -9.82 -2.93
C THR B 109 -12.44 -10.01 -3.55
N PRO B 110 -11.58 -10.80 -2.90
CA PRO B 110 -10.20 -11.05 -3.36
C PRO B 110 -10.13 -11.70 -4.75
N GLY B 111 -8.94 -11.69 -5.34
CA GLY B 111 -8.75 -12.10 -6.72
C GLY B 111 -8.61 -13.59 -6.98
N HIS B 112 -9.58 -14.36 -6.51
CA HIS B 112 -9.74 -15.77 -6.87
C HIS B 112 -8.56 -16.69 -6.52
N ALA B 113 -7.49 -16.13 -5.96
CA ALA B 113 -6.34 -16.93 -5.56
C ALA B 113 -6.16 -16.92 -4.04
N ASP B 114 -6.65 -15.86 -3.41
CA ASP B 114 -6.51 -15.68 -1.97
C ASP B 114 -7.12 -16.83 -1.16
N PHE B 115 -6.30 -17.84 -0.88
CA PHE B 115 -6.70 -18.91 0.02
C PHE B 115 -6.23 -18.59 1.44
N GLY B 116 -6.18 -17.30 1.76
CA GLY B 116 -5.79 -16.87 3.10
C GLY B 116 -6.99 -16.88 4.02
N GLY B 117 -8.18 -16.82 3.44
CA GLY B 117 -9.42 -16.85 4.22
C GLY B 117 -10.17 -15.53 4.14
N GLU B 118 -9.71 -14.64 3.26
CA GLU B 118 -10.32 -13.32 3.13
C GLU B 118 -11.73 -13.39 2.56
N VAL B 119 -11.95 -14.33 1.65
CA VAL B 119 -13.25 -14.49 1.01
C VAL B 119 -14.36 -14.80 2.01
N GLU B 120 -14.09 -15.76 2.90
CA GLU B 120 -15.06 -16.14 3.93
C GLU B 120 -15.27 -15.02 4.94
N ARG B 121 -14.23 -14.23 5.18
CA ARG B 121 -14.33 -13.08 6.06
C ARG B 121 -15.28 -12.04 5.48
N VAL B 122 -15.12 -11.78 4.18
CA VAL B 122 -15.98 -10.84 3.47
C VAL B 122 -17.43 -11.30 3.48
N MET B 123 -17.64 -12.58 3.20
CA MET B 123 -18.99 -13.15 3.14
C MET B 123 -19.70 -13.06 4.49
N SER B 124 -18.93 -13.09 5.57
CA SER B 124 -19.51 -13.03 6.92
C SER B 124 -20.05 -11.64 7.22
N MET B 125 -19.59 -10.64 6.48
CA MET B 125 -19.99 -9.26 6.71
C MET B 125 -21.19 -8.84 5.87
N VAL B 126 -21.56 -9.66 4.89
CA VAL B 126 -22.60 -9.27 3.94
C VAL B 126 -23.82 -10.19 3.97
N ASP B 127 -24.91 -9.71 3.36
CA ASP B 127 -26.18 -10.42 3.41
C ASP B 127 -26.64 -10.84 2.01
N SER B 128 -25.83 -10.52 1.01
CA SER B 128 -26.09 -10.93 -0.37
C SER B 128 -24.82 -10.77 -1.19
N VAL B 129 -24.84 -11.28 -2.43
CA VAL B 129 -23.67 -11.15 -3.28
C VAL B 129 -24.06 -10.75 -4.70
N LEU B 130 -23.23 -9.89 -5.31
CA LEU B 130 -23.49 -9.38 -6.64
C LEU B 130 -22.52 -9.98 -7.66
N LEU B 131 -23.01 -10.97 -8.42
CA LEU B 131 -22.19 -11.64 -9.42
C LEU B 131 -22.20 -10.86 -10.73
N VAL B 132 -21.05 -10.29 -11.09
CA VAL B 132 -20.92 -9.51 -12.32
C VAL B 132 -20.37 -10.36 -13.45
N VAL B 133 -21.12 -10.44 -14.54
CA VAL B 133 -20.81 -11.36 -15.63
C VAL B 133 -20.88 -10.65 -16.99
N ASP B 134 -19.90 -10.92 -17.85
CA ASP B 134 -19.87 -10.33 -19.19
C ASP B 134 -20.99 -10.89 -20.06
N ALA B 135 -21.54 -10.05 -20.93
CA ALA B 135 -22.68 -10.42 -21.75
C ALA B 135 -22.32 -11.39 -22.87
N PHE B 136 -21.02 -11.52 -23.15
CA PHE B 136 -20.57 -12.47 -24.17
C PHE B 136 -19.85 -13.66 -23.56
N ASP B 137 -18.85 -13.37 -22.73
CA ASP B 137 -18.02 -14.42 -22.12
C ASP B 137 -18.84 -15.35 -21.23
N GLY B 138 -19.82 -14.79 -20.54
CA GLY B 138 -20.56 -15.54 -19.55
C GLY B 138 -19.71 -15.67 -18.29
N PRO B 139 -20.16 -16.51 -17.34
CA PRO B 139 -19.40 -16.69 -16.10
C PRO B 139 -18.10 -17.43 -16.34
N MET B 140 -17.02 -16.93 -15.74
CA MET B 140 -15.70 -17.54 -15.90
C MET B 140 -15.40 -18.51 -14.78
N PRO B 141 -14.62 -19.57 -15.09
CA PRO B 141 -14.23 -20.59 -14.10
C PRO B 141 -13.41 -20.05 -12.93
N GLN B 142 -12.87 -18.83 -13.07
CA GLN B 142 -12.02 -18.27 -12.04
C GLN B 142 -12.78 -17.79 -10.81
N THR B 143 -14.01 -17.33 -11.00
CA THR B 143 -14.83 -16.83 -9.91
C THR B 143 -15.69 -17.93 -9.31
N ARG B 144 -15.49 -19.15 -9.81
CA ARG B 144 -16.20 -20.34 -9.36
C ARG B 144 -16.19 -20.54 -7.84
N PHE B 145 -15.02 -20.41 -7.23
CA PHE B 145 -14.84 -20.71 -5.82
C PHE B 145 -15.39 -19.63 -4.91
N VAL B 146 -15.25 -18.37 -5.32
CA VAL B 146 -15.81 -17.26 -4.55
C VAL B 146 -17.32 -17.40 -4.50
N THR B 147 -17.90 -17.84 -5.61
CA THR B 147 -19.34 -18.05 -5.73
C THR B 147 -19.84 -19.13 -4.77
N LYS B 148 -19.14 -20.25 -4.73
CA LYS B 148 -19.52 -21.38 -3.88
C LYS B 148 -19.51 -20.98 -2.40
N LYS B 149 -18.55 -20.16 -2.01
CA LYS B 149 -18.45 -19.70 -0.63
C LYS B 149 -19.61 -18.78 -0.28
N ALA B 150 -20.05 -17.99 -1.25
CA ALA B 150 -21.20 -17.12 -1.05
C ALA B 150 -22.44 -17.96 -0.80
N PHE B 151 -22.56 -19.07 -1.51
CA PHE B 151 -23.68 -19.99 -1.36
C PHE B 151 -23.61 -20.73 -0.03
N ALA B 152 -22.39 -21.01 0.43
CA ALA B 152 -22.19 -21.75 1.67
C ALA B 152 -22.56 -20.89 2.88
N TYR B 153 -22.48 -19.57 2.72
CA TYR B 153 -22.86 -18.64 3.77
C TYR B 153 -24.35 -18.31 3.67
N GLY B 154 -25.05 -19.02 2.78
CA GLY B 154 -26.49 -18.89 2.65
C GLY B 154 -26.92 -17.62 1.92
N LEU B 155 -25.98 -16.98 1.24
CA LEU B 155 -26.29 -15.73 0.55
C LEU B 155 -27.09 -15.97 -0.73
N LYS B 156 -27.91 -14.98 -1.06
CA LYS B 156 -28.71 -15.00 -2.29
C LYS B 156 -28.05 -14.10 -3.33
N PRO B 157 -27.83 -14.63 -4.54
CA PRO B 157 -27.08 -13.86 -5.54
C PRO B 157 -27.95 -12.92 -6.37
N ILE B 158 -27.38 -11.77 -6.71
CA ILE B 158 -27.97 -10.88 -7.72
C ILE B 158 -27.01 -10.80 -8.89
N VAL B 159 -27.40 -11.39 -10.01
CA VAL B 159 -26.52 -11.47 -11.18
C VAL B 159 -26.64 -10.25 -12.08
N VAL B 160 -25.52 -9.57 -12.30
CA VAL B 160 -25.47 -8.46 -13.23
C VAL B 160 -24.77 -8.87 -14.51
N ILE B 161 -25.46 -8.71 -15.64
CA ILE B 161 -24.89 -9.03 -16.94
C ILE B 161 -24.57 -7.72 -17.68
N ASN B 162 -23.33 -7.26 -17.54
CA ASN B 162 -22.94 -5.98 -18.13
C ASN B 162 -22.18 -6.14 -19.44
N LYS B 163 -21.73 -5.01 -20.00
CA LYS B 163 -21.27 -4.94 -21.39
C LYS B 163 -22.33 -5.51 -22.30
N VAL B 164 -23.59 -5.27 -21.94
CA VAL B 164 -24.72 -5.94 -22.58
C VAL B 164 -24.95 -5.47 -24.02
N ASP B 165 -24.33 -4.36 -24.40
CA ASP B 165 -24.50 -3.82 -25.73
C ASP B 165 -23.25 -3.98 -26.59
N ARG B 166 -22.35 -4.86 -26.17
CA ARG B 166 -21.18 -5.18 -27.00
C ARG B 166 -21.66 -6.01 -28.17
N PRO B 167 -21.06 -5.81 -29.36
CA PRO B 167 -21.45 -6.58 -30.54
C PRO B 167 -21.25 -8.08 -30.33
N GLY B 168 -22.29 -8.87 -30.62
CA GLY B 168 -22.21 -10.30 -30.46
C GLY B 168 -22.60 -10.77 -29.07
N ALA B 169 -23.03 -9.83 -28.24
CA ALA B 169 -23.47 -10.16 -26.88
C ALA B 169 -24.62 -11.16 -26.93
N ARG B 170 -24.61 -12.11 -26.00
CA ARG B 170 -25.60 -13.18 -25.98
C ARG B 170 -26.19 -13.34 -24.59
N PRO B 171 -27.01 -12.37 -24.15
CA PRO B 171 -27.57 -12.36 -22.78
C PRO B 171 -28.36 -13.62 -22.44
N ASP B 172 -29.16 -14.11 -23.39
CA ASP B 172 -29.96 -15.31 -23.17
C ASP B 172 -29.08 -16.53 -22.90
N TRP B 173 -27.99 -16.63 -23.66
CA TRP B 173 -27.05 -17.74 -23.49
C TRP B 173 -26.34 -17.66 -22.14
N VAL B 174 -25.94 -16.45 -21.77
CA VAL B 174 -25.22 -16.21 -20.53
C VAL B 174 -26.06 -16.59 -19.30
N VAL B 175 -27.36 -16.30 -19.37
CA VAL B 175 -28.28 -16.64 -18.28
C VAL B 175 -28.30 -18.13 -18.00
N ASP B 176 -28.35 -18.93 -19.06
CA ASP B 176 -28.33 -20.38 -18.94
C ASP B 176 -27.02 -20.85 -18.30
N GLN B 177 -25.91 -20.23 -18.71
CA GLN B 177 -24.59 -20.59 -18.18
C GLN B 177 -24.50 -20.28 -16.69
N VAL B 178 -24.99 -19.11 -16.30
CA VAL B 178 -25.02 -18.73 -14.89
C VAL B 178 -25.92 -19.66 -14.10
N PHE B 179 -27.09 -19.95 -14.65
CA PHE B 179 -28.04 -20.86 -14.02
C PHE B 179 -27.45 -22.26 -13.88
N ASP B 180 -26.82 -22.74 -14.96
CA ASP B 180 -26.15 -24.04 -14.93
C ASP B 180 -25.00 -24.04 -13.93
N LEU B 181 -24.16 -23.02 -14.00
CA LEU B 181 -23.03 -22.85 -13.08
C LEU B 181 -23.48 -23.05 -11.66
N PHE B 182 -24.69 -22.59 -11.35
CA PHE B 182 -25.29 -22.84 -10.06
C PHE B 182 -25.59 -24.34 -9.93
N VAL B 183 -24.57 -25.12 -10.21
CA VAL B 183 -24.51 -26.53 -9.87
C VAL B 183 -23.54 -26.68 -8.71
N ASN B 184 -23.36 -25.59 -7.97
CA ASN B 184 -22.65 -25.57 -6.74
C ASN B 184 -23.68 -25.96 -5.71
N LEU B 185 -24.43 -26.98 -6.05
CA LEU B 185 -25.50 -27.53 -5.24
C LEU B 185 -26.22 -26.52 -4.40
N ASP B 186 -26.45 -25.38 -4.98
CA ASP B 186 -27.16 -24.27 -4.35
C ASP B 186 -28.61 -24.65 -4.10
N ALA B 187 -29.18 -24.05 -3.05
CA ALA B 187 -30.58 -24.28 -2.73
C ALA B 187 -31.47 -23.85 -3.88
N THR B 188 -32.67 -24.41 -3.93
CA THR B 188 -33.68 -23.97 -4.88
C THR B 188 -34.02 -22.51 -4.57
N ASP B 189 -33.78 -22.12 -3.32
CA ASP B 189 -33.98 -20.75 -2.88
C ASP B 189 -33.02 -19.77 -3.57
N GLU B 190 -31.77 -20.19 -3.74
CA GLU B 190 -30.72 -19.30 -4.23
C GLU B 190 -30.70 -19.13 -5.74
N GLN B 191 -31.08 -20.17 -6.47
CA GLN B 191 -31.02 -20.11 -7.93
C GLN B 191 -32.39 -19.84 -8.56
N LEU B 192 -33.46 -20.08 -7.80
CA LEU B 192 -34.75 -19.57 -8.21
C LEU B 192 -34.84 -18.14 -7.69
N ASP B 193 -35.49 -17.28 -8.45
CA ASP B 193 -35.68 -15.88 -8.09
C ASP B 193 -34.37 -15.12 -7.88
N PHE B 194 -33.26 -15.61 -8.42
CA PHE B 194 -32.07 -14.77 -8.45
C PHE B 194 -32.33 -13.77 -9.56
N PRO B 195 -32.39 -12.48 -9.21
CA PRO B 195 -32.78 -11.44 -10.16
C PRO B 195 -31.66 -11.09 -11.12
N ILE B 196 -32.01 -10.83 -12.37
CA ILE B 196 -31.02 -10.49 -13.39
C ILE B 196 -31.14 -9.03 -13.80
N VAL B 197 -30.04 -8.30 -13.67
CA VAL B 197 -29.98 -6.93 -14.12
C VAL B 197 -28.97 -6.80 -15.25
N TYR B 198 -29.41 -6.24 -16.37
CA TYR B 198 -28.51 -6.00 -17.49
C TYR B 198 -27.93 -4.60 -17.38
N ALA B 199 -26.69 -4.44 -17.82
CA ALA B 199 -26.01 -3.16 -17.62
C ALA B 199 -25.04 -2.83 -18.74
N SER B 200 -24.73 -1.54 -18.85
CA SER B 200 -23.68 -1.06 -19.73
C SER B 200 -22.99 0.10 -19.02
N ALA B 201 -22.03 -0.24 -18.17
CA ALA B 201 -21.33 0.75 -17.35
C ALA B 201 -20.68 1.85 -18.20
N LEU B 202 -20.41 1.52 -19.46
CA LEU B 202 -19.90 2.48 -20.41
C LEU B 202 -20.89 3.63 -20.60
N ASN B 203 -22.14 3.29 -20.86
CA ASN B 203 -23.19 4.29 -21.06
C ASN B 203 -23.85 4.71 -19.76
N GLY B 204 -23.53 3.99 -18.68
CA GLY B 204 -24.07 4.30 -17.37
C GLY B 204 -25.54 3.96 -17.24
N ILE B 205 -25.98 2.94 -17.98
CA ILE B 205 -27.38 2.54 -17.94
C ILE B 205 -27.56 1.09 -17.48
N ALA B 206 -28.73 0.81 -16.92
CA ALA B 206 -29.08 -0.54 -16.50
C ALA B 206 -30.54 -0.82 -16.84
N GLY B 207 -30.97 -2.06 -16.67
CA GLY B 207 -32.34 -2.44 -16.97
C GLY B 207 -32.65 -3.89 -16.70
N LEU B 208 -33.90 -4.17 -16.41
CA LEU B 208 -34.34 -5.54 -16.15
C LEU B 208 -34.56 -6.29 -17.47
N ASP B 209 -34.50 -5.54 -18.56
CA ASP B 209 -34.52 -6.13 -19.91
C ASP B 209 -33.51 -5.41 -20.79
N HIS B 210 -32.71 -6.18 -21.50
CA HIS B 210 -31.61 -5.62 -22.29
C HIS B 210 -32.07 -5.04 -23.63
N GLU B 211 -33.35 -5.21 -23.94
CA GLU B 211 -33.90 -4.64 -25.16
C GLU B 211 -34.69 -3.38 -24.83
N ASP B 212 -34.92 -3.17 -23.54
CA ASP B 212 -35.60 -1.97 -23.06
C ASP B 212 -34.94 -1.49 -21.78
N MET B 213 -33.85 -0.76 -21.93
CA MET B 213 -33.04 -0.32 -20.80
C MET B 213 -33.52 1.03 -20.24
N ALA B 214 -33.12 1.32 -19.01
CA ALA B 214 -33.40 2.63 -18.42
C ALA B 214 -32.38 3.64 -18.95
N GLU B 215 -32.46 4.87 -18.46
CA GLU B 215 -31.55 5.91 -18.91
C GLU B 215 -30.39 6.08 -17.93
N ASP B 216 -30.47 5.40 -16.80
CA ASP B 216 -29.38 5.39 -15.83
C ASP B 216 -29.30 4.06 -15.07
N MET B 217 -28.63 4.07 -13.93
CA MET B 217 -28.36 2.85 -13.17
C MET B 217 -29.43 2.51 -12.14
N THR B 218 -30.60 3.14 -12.28
CA THR B 218 -31.70 2.93 -11.32
C THR B 218 -32.12 1.47 -11.14
N PRO B 219 -32.31 0.71 -12.25
CA PRO B 219 -32.73 -0.68 -12.04
C PRO B 219 -31.74 -1.52 -11.23
N LEU B 220 -30.46 -1.16 -11.25
CA LEU B 220 -29.47 -1.87 -10.46
C LEU B 220 -29.58 -1.49 -8.99
N TYR B 221 -29.72 -0.19 -8.71
CA TYR B 221 -29.97 0.28 -7.36
C TYR B 221 -31.18 -0.40 -6.75
N GLN B 222 -32.27 -0.39 -7.50
CA GLN B 222 -33.55 -0.91 -7.03
C GLN B 222 -33.50 -2.41 -6.76
N ALA B 223 -32.80 -3.14 -7.63
CA ALA B 223 -32.66 -4.58 -7.46
C ALA B 223 -31.92 -4.92 -6.17
N ILE B 224 -30.91 -4.11 -5.85
CA ILE B 224 -30.16 -4.27 -4.61
C ILE B 224 -31.07 -4.03 -3.42
N VAL B 225 -31.81 -2.93 -3.45
CA VAL B 225 -32.74 -2.59 -2.37
C VAL B 225 -33.81 -3.67 -2.20
N ASP B 226 -34.37 -4.14 -3.31
CA ASP B 226 -35.48 -5.07 -3.28
C ASP B 226 -35.09 -6.49 -2.86
N HIS B 227 -33.90 -6.93 -3.26
CA HIS B 227 -33.54 -8.34 -3.10
C HIS B 227 -32.46 -8.61 -2.06
N VAL B 228 -31.76 -7.58 -1.62
CA VAL B 228 -30.80 -7.75 -0.51
C VAL B 228 -31.51 -7.46 0.81
N PRO B 229 -31.45 -8.42 1.75
CA PRO B 229 -32.10 -8.21 3.04
C PRO B 229 -31.29 -7.28 3.92
N ALA B 230 -31.98 -6.57 4.82
CA ALA B 230 -31.30 -5.76 5.83
C ALA B 230 -30.51 -6.68 6.75
N PRO B 231 -29.43 -6.17 7.35
CA PRO B 231 -28.62 -7.00 8.27
C PRO B 231 -29.42 -7.56 9.44
N ASP B 232 -29.14 -8.81 9.79
CA ASP B 232 -29.74 -9.44 10.96
C ASP B 232 -28.98 -9.00 12.21
N VAL B 233 -29.36 -7.84 12.74
CA VAL B 233 -28.64 -7.24 13.87
C VAL B 233 -29.58 -6.63 14.90
N ASP B 234 -29.13 -6.60 16.16
CA ASP B 234 -29.89 -5.97 17.23
C ASP B 234 -29.27 -4.63 17.62
N LEU B 235 -30.05 -3.57 17.48
CA LEU B 235 -29.55 -2.22 17.68
C LEU B 235 -29.41 -1.83 19.15
N ASP B 236 -30.24 -2.41 20.00
CA ASP B 236 -30.29 -2.01 21.41
C ASP B 236 -29.53 -2.95 22.33
N GLY B 237 -29.07 -4.08 21.81
CA GLY B 237 -28.26 -5.01 22.60
C GLY B 237 -26.89 -4.42 22.89
N PRO B 238 -26.11 -5.09 23.75
CA PRO B 238 -24.76 -4.61 24.08
C PRO B 238 -23.79 -4.76 22.91
N PHE B 239 -22.84 -3.85 22.81
CA PHE B 239 -21.92 -3.78 21.68
C PHE B 239 -21.16 -5.08 21.42
N GLN B 240 -21.13 -5.50 20.16
CA GLN B 240 -20.45 -6.71 19.75
C GLN B 240 -20.07 -6.63 18.27
N MET B 241 -18.77 -6.73 18.01
CA MET B 241 -18.26 -6.65 16.64
C MET B 241 -17.04 -7.52 16.43
N GLN B 242 -17.14 -8.45 15.48
CA GLN B 242 -16.03 -9.32 15.13
C GLN B 242 -15.16 -8.65 14.06
N ILE B 243 -13.85 -8.75 14.21
CA ILE B 243 -12.94 -8.21 13.22
C ILE B 243 -12.80 -9.17 12.04
N SER B 244 -13.25 -8.74 10.87
CA SER B 244 -13.18 -9.56 9.68
C SER B 244 -11.98 -9.19 8.82
N GLN B 245 -11.54 -7.94 8.95
CA GLN B 245 -10.40 -7.46 8.16
C GLN B 245 -9.50 -6.54 8.99
N LEU B 246 -8.25 -6.43 8.56
CA LEU B 246 -7.28 -5.59 9.25
C LEU B 246 -6.67 -4.56 8.30
N ASP B 247 -6.26 -3.42 8.85
CA ASP B 247 -5.60 -2.39 8.07
C ASP B 247 -4.62 -1.65 8.98
N TYR B 248 -3.71 -0.89 8.39
CA TYR B 248 -2.73 -0.16 9.17
C TYR B 248 -2.44 1.22 8.63
N ASN B 249 -2.08 2.11 9.54
CA ASN B 249 -1.76 3.48 9.23
C ASN B 249 -0.68 3.94 10.20
N SER B 250 0.37 4.59 9.68
CA SER B 250 1.48 5.00 10.53
C SER B 250 1.02 6.03 11.57
N TYR B 251 -0.05 6.74 11.25
CA TYR B 251 -0.59 7.77 12.13
C TYR B 251 -1.63 7.19 13.10
N VAL B 252 -2.49 6.31 12.59
CA VAL B 252 -3.61 5.81 13.37
C VAL B 252 -3.31 4.48 14.05
N GLY B 253 -2.44 3.68 13.46
CA GLY B 253 -2.06 2.40 14.03
C GLY B 253 -2.80 1.23 13.39
N VAL B 254 -3.01 0.17 14.17
CA VAL B 254 -3.72 -1.00 13.67
C VAL B 254 -5.22 -0.74 13.58
N ILE B 255 -5.79 -1.05 12.42
CA ILE B 255 -7.21 -0.80 12.17
C ILE B 255 -8.01 -2.10 12.07
N GLY B 256 -9.11 -2.17 12.81
CA GLY B 256 -9.99 -3.33 12.75
C GLY B 256 -11.25 -3.04 11.95
N ILE B 257 -11.47 -3.83 10.90
CA ILE B 257 -12.65 -3.67 10.06
C ILE B 257 -13.61 -4.85 10.24
N GLY B 258 -14.89 -4.53 10.39
CA GLY B 258 -15.92 -5.55 10.51
C GLY B 258 -17.29 -4.92 10.53
N ARG B 259 -18.31 -5.74 10.35
CA ARG B 259 -19.70 -5.27 10.42
C ARG B 259 -20.22 -5.43 11.84
N ILE B 260 -20.65 -4.31 12.43
CA ILE B 260 -21.12 -4.31 13.81
C ILE B 260 -22.34 -5.23 13.96
N LYS B 261 -22.19 -6.27 14.77
CA LYS B 261 -23.20 -7.30 14.95
C LYS B 261 -24.33 -6.85 15.86
N ARG B 262 -23.99 -6.08 16.88
CA ARG B 262 -24.96 -5.73 17.92
C ARG B 262 -24.57 -4.43 18.62
N GLY B 263 -25.57 -3.63 18.96
CA GLY B 263 -25.33 -2.40 19.70
C GLY B 263 -24.65 -1.30 18.91
N LYS B 264 -23.93 -0.44 19.62
CA LYS B 264 -23.33 0.74 19.01
C LYS B 264 -22.01 1.12 19.71
N VAL B 265 -21.19 1.91 19.03
CA VAL B 265 -19.89 2.28 19.56
C VAL B 265 -19.58 3.77 19.35
N LYS B 266 -18.99 4.38 20.37
CA LYS B 266 -18.54 5.77 20.30
C LYS B 266 -17.03 5.83 20.48
N PRO B 267 -16.40 6.93 20.04
CA PRO B 267 -14.98 7.14 20.38
C PRO B 267 -14.76 7.19 21.90
N ASN B 268 -13.57 6.78 22.34
CA ASN B 268 -13.20 6.79 23.76
C ASN B 268 -14.08 5.87 24.61
N GLN B 269 -14.71 4.89 23.98
CA GLN B 269 -15.58 3.95 24.69
C GLN B 269 -14.82 2.72 25.15
N GLN B 270 -14.95 2.41 26.44
CA GLN B 270 -14.28 1.26 27.03
C GLN B 270 -14.83 -0.05 26.48
N VAL B 271 -13.94 -0.95 26.07
CA VAL B 271 -14.38 -2.24 25.54
C VAL B 271 -13.54 -3.39 26.09
N THR B 272 -13.94 -4.61 25.73
CA THR B 272 -13.20 -5.82 26.07
C THR B 272 -13.09 -6.71 24.85
N ILE B 273 -11.86 -7.06 24.47
CA ILE B 273 -11.63 -7.92 23.32
C ILE B 273 -11.45 -9.37 23.74
N ILE B 274 -12.27 -10.25 23.20
CA ILE B 274 -12.15 -11.68 23.45
C ILE B 274 -11.75 -12.40 22.17
N ASP B 275 -10.73 -13.24 22.25
CA ASP B 275 -10.24 -13.95 21.07
C ASP B 275 -10.94 -15.30 20.89
N SER B 276 -10.45 -16.05 19.94
CA SER B 276 -11.09 -17.25 19.52
C SER B 276 -11.05 -18.29 20.62
N GLU B 277 -10.12 -18.13 21.54
CA GLU B 277 -9.92 -19.12 22.57
C GLU B 277 -10.64 -18.84 23.85
N GLY B 278 -10.72 -17.58 24.22
CA GLY B 278 -11.45 -17.22 25.41
C GLY B 278 -10.67 -16.21 26.19
N LYS B 279 -9.47 -15.95 25.72
CA LYS B 279 -8.61 -14.97 26.35
C LYS B 279 -9.15 -13.57 26.16
N THR B 280 -9.16 -12.79 27.23
CA THR B 280 -9.71 -11.43 27.19
C THR B 280 -8.70 -10.38 27.62
N ARG B 281 -8.92 -9.16 27.15
CA ARG B 281 -8.16 -8.00 27.59
C ARG B 281 -9.04 -6.76 27.46
N ASN B 282 -8.76 -5.74 28.27
CA ASN B 282 -9.51 -4.50 28.20
C ASN B 282 -8.79 -3.49 27.33
N ALA B 283 -9.55 -2.62 26.68
CA ALA B 283 -8.99 -1.60 25.81
C ALA B 283 -9.94 -0.42 25.68
N LYS B 284 -9.50 0.61 24.97
CA LYS B 284 -10.29 1.81 24.77
C LYS B 284 -10.32 2.20 23.30
N VAL B 285 -11.52 2.33 22.74
CA VAL B 285 -11.68 2.73 21.35
C VAL B 285 -11.12 4.12 21.11
N GLY B 286 -10.20 4.24 20.16
CA GLY B 286 -9.66 5.54 19.80
C GLY B 286 -10.63 6.28 18.91
N LYS B 287 -10.56 5.98 17.61
CA LYS B 287 -11.48 6.58 16.64
C LYS B 287 -12.42 5.53 16.06
N VAL B 288 -13.63 5.94 15.75
CA VAL B 288 -14.56 5.10 15.02
C VAL B 288 -14.69 5.62 13.60
N LEU B 289 -14.31 4.81 12.63
CA LEU B 289 -14.29 5.24 11.24
C LEU B 289 -15.42 4.63 10.42
N GLY B 290 -16.29 5.48 9.91
CA GLY B 290 -17.34 5.05 9.01
C GLY B 290 -16.85 5.13 7.58
N HIS B 291 -17.59 4.50 6.66
CA HIS B 291 -17.21 4.53 5.26
C HIS B 291 -18.08 5.50 4.46
N LEU B 292 -17.44 6.26 3.58
CA LEU B 292 -18.15 7.18 2.71
C LEU B 292 -17.44 7.25 1.36
N GLY B 293 -18.06 6.62 0.35
CA GLY B 293 -17.43 6.50 -0.96
C GLY B 293 -16.26 5.54 -0.89
N LEU B 294 -15.08 6.02 -1.28
CA LEU B 294 -13.87 5.22 -1.18
C LEU B 294 -13.15 5.54 0.12
N GLU B 295 -13.62 6.57 0.80
CA GLU B 295 -12.91 7.13 1.96
C GLU B 295 -13.43 6.62 3.30
N ARG B 296 -12.64 6.86 4.34
CA ARG B 296 -13.04 6.61 5.72
C ARG B 296 -13.03 7.92 6.50
N ILE B 297 -14.14 8.22 7.15
CA ILE B 297 -14.23 9.45 7.94
C ILE B 297 -14.59 9.12 9.39
N GLU B 298 -14.07 9.91 10.32
CA GLU B 298 -14.37 9.72 11.73
C GLU B 298 -15.84 9.96 12.03
N THR B 299 -16.37 9.16 12.95
CA THR B 299 -17.78 9.32 13.36
C THR B 299 -17.87 9.37 14.88
N ASP B 300 -18.90 10.04 15.37
CA ASP B 300 -19.15 10.09 16.81
C ASP B 300 -19.97 8.88 17.24
N LEU B 301 -20.50 8.15 16.26
CA LEU B 301 -21.35 7.00 16.56
C LEU B 301 -21.55 6.08 15.36
N ALA B 302 -21.23 4.81 15.56
CA ALA B 302 -21.52 3.77 14.57
C ALA B 302 -22.41 2.71 15.23
N GLU B 303 -23.39 2.20 14.50
CA GLU B 303 -24.37 1.30 15.09
C GLU B 303 -24.40 -0.07 14.42
N ALA B 304 -25.27 -0.93 14.93
CA ALA B 304 -25.39 -2.30 14.43
C ALA B 304 -25.82 -2.35 12.97
N GLY B 305 -25.11 -3.14 12.18
CA GLY B 305 -25.38 -3.24 10.76
C GLY B 305 -24.30 -2.53 9.96
N ASP B 306 -23.67 -1.54 10.56
CA ASP B 306 -22.65 -0.74 9.91
C ASP B 306 -21.35 -1.51 9.68
N ILE B 307 -20.69 -1.20 8.56
CA ILE B 307 -19.35 -1.71 8.30
C ILE B 307 -18.34 -0.62 8.63
N VAL B 308 -17.66 -0.76 9.75
CA VAL B 308 -16.81 0.32 10.26
C VAL B 308 -15.36 -0.09 10.45
N ALA B 309 -14.52 0.92 10.67
CA ALA B 309 -13.13 0.70 11.03
C ALA B 309 -12.89 1.27 12.41
N ILE B 310 -12.31 0.48 13.30
CA ILE B 310 -12.09 0.91 14.68
C ILE B 310 -10.60 1.02 14.99
N THR B 311 -10.25 2.04 15.78
CA THR B 311 -8.86 2.40 16.04
C THR B 311 -8.55 2.41 17.54
N GLY B 312 -7.34 2.01 17.91
CA GLY B 312 -6.85 2.20 19.26
C GLY B 312 -7.05 1.01 20.19
N LEU B 313 -7.23 -0.17 19.60
CA LEU B 313 -7.46 -1.37 20.39
C LEU B 313 -6.24 -2.29 20.37
N GLY B 314 -5.10 -1.75 19.98
CA GLY B 314 -3.88 -2.52 19.91
C GLY B 314 -3.86 -3.44 18.70
N GLU B 315 -3.00 -4.45 18.73
CA GLU B 315 -2.88 -5.39 17.63
C GLU B 315 -4.03 -6.38 17.58
N LEU B 316 -5.12 -5.98 16.93
CA LEU B 316 -6.28 -6.85 16.76
C LEU B 316 -5.95 -8.04 15.88
N ASN B 317 -6.60 -9.15 16.12
CA ASN B 317 -6.50 -10.31 15.25
C ASN B 317 -7.84 -10.61 14.62
N ILE B 318 -7.83 -11.16 13.41
CA ILE B 318 -9.07 -11.56 12.76
C ILE B 318 -9.75 -12.64 13.61
N SER B 319 -11.07 -12.50 13.76
CA SER B 319 -11.94 -13.34 14.61
C SER B 319 -11.96 -12.86 16.06
N ASP B 320 -11.26 -11.77 16.36
CA ASP B 320 -11.42 -11.13 17.65
C ASP B 320 -12.81 -10.49 17.72
N THR B 321 -13.42 -10.55 18.89
CA THR B 321 -14.72 -9.90 19.07
C THR B 321 -14.60 -8.75 20.06
N VAL B 322 -14.84 -7.54 19.57
CA VAL B 322 -14.85 -6.37 20.43
C VAL B 322 -16.20 -6.28 21.12
N CYS B 323 -16.20 -6.25 22.45
CA CYS B 323 -17.45 -6.32 23.20
C CYS B 323 -17.62 -5.20 24.22
N ASP B 324 -18.86 -5.00 24.65
CA ASP B 324 -19.16 -4.20 25.81
C ASP B 324 -18.63 -4.93 27.04
N THR B 325 -17.98 -4.19 27.95
CA THR B 325 -17.27 -4.81 29.06
C THR B 325 -18.18 -5.57 30.03
N GLN B 326 -19.48 -5.31 29.97
CA GLN B 326 -20.43 -5.98 30.87
C GLN B 326 -21.09 -7.18 30.20
N ASN B 327 -20.83 -7.35 28.90
CA ASN B 327 -21.37 -8.49 28.17
C ASN B 327 -20.39 -9.04 27.16
N VAL B 328 -19.32 -9.66 27.66
CA VAL B 328 -18.30 -10.25 26.80
C VAL B 328 -18.81 -11.54 26.16
N GLU B 329 -19.00 -11.50 24.85
CA GLU B 329 -19.49 -12.67 24.13
C GLU B 329 -18.81 -12.80 22.76
N ALA B 330 -17.96 -13.81 22.64
CA ALA B 330 -17.24 -14.05 21.40
C ALA B 330 -18.17 -14.52 20.29
N LEU B 331 -18.06 -13.90 19.12
CA LEU B 331 -18.74 -14.39 17.93
C LEU B 331 -17.96 -15.58 17.40
N PRO B 332 -18.68 -16.57 16.83
CA PRO B 332 -18.02 -17.83 16.45
C PRO B 332 -16.96 -17.65 15.36
N ALA B 333 -15.83 -18.32 15.52
CA ALA B 333 -14.76 -18.30 14.52
C ALA B 333 -15.26 -18.92 13.22
N LEU B 334 -14.56 -18.66 12.13
CA LEU B 334 -15.06 -19.01 10.80
C LEU B 334 -14.13 -19.91 10.00
N SER B 335 -14.68 -20.43 8.89
CA SER B 335 -13.89 -20.98 7.79
C SER B 335 -13.07 -22.22 8.14
N VAL B 336 -13.73 -23.35 8.34
CA VAL B 336 -13.02 -24.62 8.50
C VAL B 336 -12.92 -25.34 7.16
N ASP B 337 -12.24 -24.71 6.21
CA ASP B 337 -12.01 -25.32 4.90
C ASP B 337 -10.91 -26.36 5.02
N GLU B 338 -11.28 -27.57 5.44
CA GLU B 338 -10.33 -28.63 5.70
C GLU B 338 -9.73 -29.22 4.43
N PRO B 339 -8.52 -29.78 4.53
CA PRO B 339 -7.84 -30.42 3.40
C PRO B 339 -8.50 -31.73 2.95
N THR B 340 -8.31 -32.09 1.69
CA THR B 340 -8.84 -33.33 1.16
C THR B 340 -7.74 -34.21 0.59
N VAL B 341 -6.55 -33.63 0.43
CA VAL B 341 -5.42 -34.32 -0.18
C VAL B 341 -4.14 -34.09 0.62
N SER B 342 -3.47 -35.17 0.99
CA SER B 342 -2.20 -35.08 1.72
C SER B 342 -1.05 -35.64 0.90
N MET B 343 0.17 -35.31 1.30
CA MET B 343 1.35 -35.53 0.47
C MET B 343 2.63 -35.24 1.25
N PHE B 344 3.60 -36.14 1.17
CA PHE B 344 4.82 -36.03 1.96
C PHE B 344 5.86 -35.08 1.36
N PHE B 345 6.38 -34.18 2.20
CA PHE B 345 7.48 -33.31 1.84
C PHE B 345 8.72 -33.78 2.59
N CYS B 346 9.73 -34.23 1.84
CA CYS B 346 10.90 -34.86 2.46
C CYS B 346 12.18 -34.10 2.18
N VAL B 347 13.12 -34.17 3.12
CA VAL B 347 14.47 -33.68 2.85
C VAL B 347 15.04 -34.59 1.77
N ASN B 348 15.83 -34.01 0.86
CA ASN B 348 16.32 -34.77 -0.28
C ASN B 348 17.46 -35.71 0.12
N THR B 349 17.11 -36.95 0.43
CA THR B 349 18.12 -37.96 0.76
C THR B 349 18.63 -38.62 -0.52
N SER B 350 18.99 -37.79 -1.49
CA SER B 350 19.62 -38.25 -2.72
C SER B 350 21.11 -37.96 -2.66
N PRO B 351 21.92 -38.72 -3.40
CA PRO B 351 23.36 -38.42 -3.52
C PRO B 351 23.61 -36.99 -4.02
N PHE B 352 22.66 -36.44 -4.76
CA PHE B 352 22.76 -35.06 -5.27
C PHE B 352 22.08 -34.08 -4.31
N CYS B 353 22.21 -34.33 -3.02
CA CYS B 353 21.45 -33.62 -1.98
C CYS B 353 21.38 -32.10 -2.15
N GLY B 354 22.54 -31.45 -2.15
CA GLY B 354 22.58 -30.00 -2.24
C GLY B 354 23.55 -29.48 -3.30
N LYS B 355 23.38 -29.94 -4.53
CA LYS B 355 24.25 -29.52 -5.62
C LYS B 355 23.54 -28.57 -6.58
N GLU B 356 22.28 -28.27 -6.28
CA GLU B 356 21.48 -27.39 -7.12
C GLU B 356 20.63 -26.42 -6.31
N GLY B 357 20.31 -26.80 -5.08
CA GLY B 357 19.50 -25.97 -4.20
C GLY B 357 20.33 -25.18 -3.21
N LYS B 358 19.68 -24.27 -2.48
CA LYS B 358 20.37 -23.44 -1.51
C LYS B 358 20.30 -24.04 -0.11
N PHE B 359 19.10 -24.14 0.46
CA PHE B 359 18.91 -24.67 1.80
C PHE B 359 18.01 -25.90 1.80
N VAL B 360 18.50 -27.00 2.37
CA VAL B 360 17.74 -28.24 2.37
C VAL B 360 18.01 -29.09 3.61
N THR B 361 17.52 -28.64 4.76
CA THR B 361 17.62 -29.42 6.00
C THR B 361 16.24 -29.72 6.55
N SER B 362 16.19 -30.54 7.60
CA SER B 362 14.91 -30.91 8.21
C SER B 362 14.37 -29.78 9.07
N ARG B 363 15.23 -28.81 9.37
CA ARG B 363 14.82 -27.62 10.12
C ARG B 363 14.44 -26.51 9.16
N GLN B 364 15.10 -26.47 8.01
CA GLN B 364 14.86 -25.44 7.00
C GLN B 364 13.54 -25.66 6.27
N ILE B 365 13.28 -26.91 5.89
CA ILE B 365 12.03 -27.25 5.22
C ILE B 365 10.84 -27.09 6.16
N LEU B 366 11.00 -27.59 7.39
CA LEU B 366 9.95 -27.50 8.40
C LEU B 366 9.63 -26.06 8.76
N ASP B 367 10.64 -25.19 8.60
CA ASP B 367 10.46 -23.77 8.87
C ASP B 367 9.51 -23.15 7.86
N ARG B 368 9.86 -23.24 6.57
CA ARG B 368 9.02 -22.59 5.57
C ARG B 368 7.69 -23.30 5.39
N LEU B 369 7.60 -24.54 5.85
CA LEU B 369 6.32 -25.24 5.83
C LEU B 369 5.27 -24.43 6.59
N ASN B 370 5.59 -24.08 7.82
CA ASN B 370 4.69 -23.30 8.67
C ASN B 370 4.62 -21.83 8.25
N LYS B 371 5.47 -21.47 7.28
CA LYS B 371 5.47 -20.12 6.73
C LYS B 371 4.47 -20.02 5.58
N GLU B 372 3.55 -20.98 5.53
CA GLU B 372 2.48 -20.97 4.53
C GLU B 372 1.14 -21.19 5.21
N LEU B 373 1.20 -21.61 6.47
CA LEU B 373 0.00 -21.85 7.27
C LEU B 373 -0.78 -20.56 7.52
N VAL B 374 -0.04 -19.49 7.80
CA VAL B 374 -0.64 -18.21 8.16
C VAL B 374 -1.49 -17.62 7.03
N HIS B 375 -0.98 -17.68 5.81
CA HIS B 375 -1.73 -17.17 4.67
C HIS B 375 -2.26 -18.26 3.75
N ASN B 376 -2.49 -19.45 4.32
CA ASN B 376 -3.22 -20.50 3.62
C ASN B 376 -3.76 -21.51 4.64
N VAL B 377 -5.03 -21.37 4.97
CA VAL B 377 -5.63 -22.15 6.05
C VAL B 377 -6.18 -23.49 5.57
N ALA B 378 -6.27 -23.66 4.25
CA ALA B 378 -6.66 -24.96 3.69
C ALA B 378 -5.57 -25.98 3.99
N LEU B 379 -4.38 -25.48 4.25
CA LEU B 379 -3.20 -26.28 4.52
C LEU B 379 -3.17 -26.82 5.95
N ARG B 380 -2.57 -27.98 6.12
CA ARG B 380 -2.24 -28.53 7.44
C ARG B 380 -0.86 -29.16 7.36
N VAL B 381 -0.10 -29.11 8.45
CA VAL B 381 1.24 -29.69 8.46
C VAL B 381 1.47 -30.53 9.71
N GLU B 382 1.47 -31.85 9.55
CA GLU B 382 1.77 -32.77 10.65
C GLU B 382 3.20 -33.29 10.55
N GLU B 383 3.76 -33.67 11.69
CA GLU B 383 5.08 -34.31 11.72
C GLU B 383 4.92 -35.81 11.86
N THR B 384 5.88 -36.57 11.35
CA THR B 384 5.79 -38.03 11.37
C THR B 384 6.90 -38.64 12.22
N GLU B 385 7.04 -39.96 12.14
CA GLU B 385 8.10 -40.68 12.83
C GLU B 385 9.44 -40.37 12.16
N ASP B 386 9.46 -40.47 10.84
CA ASP B 386 10.62 -40.09 10.05
C ASP B 386 10.94 -38.62 10.31
N ALA B 387 12.19 -38.35 10.69
CA ALA B 387 12.61 -36.99 10.99
C ALA B 387 13.05 -36.25 9.73
N ASP B 388 12.67 -36.79 8.58
CA ASP B 388 13.05 -36.20 7.30
C ASP B 388 11.88 -36.08 6.34
N ALA B 389 10.67 -36.21 6.87
CA ALA B 389 9.46 -36.15 6.05
C ALA B 389 8.24 -35.70 6.85
N PHE B 390 7.48 -34.77 6.29
CA PHE B 390 6.27 -34.26 6.94
C PHE B 390 5.04 -34.49 6.08
N ARG B 391 3.91 -34.79 6.72
CA ARG B 391 2.67 -34.99 5.99
C ARG B 391 1.95 -33.66 5.76
N VAL B 392 2.04 -33.15 4.53
CA VAL B 392 1.43 -31.88 4.18
C VAL B 392 0.10 -32.08 3.46
N SER B 393 -0.99 -31.69 4.12
CA SER B 393 -2.32 -31.83 3.56
C SER B 393 -2.76 -30.54 2.88
N GLY B 394 -3.76 -30.63 2.01
CA GLY B 394 -4.22 -29.46 1.28
C GLY B 394 -5.56 -29.60 0.56
N ARG B 395 -5.94 -28.53 -0.13
CA ARG B 395 -7.21 -28.46 -0.87
C ARG B 395 -7.26 -29.50 -1.99
N GLY B 396 -6.51 -29.24 -3.05
CA GLY B 396 -6.37 -30.18 -4.15
C GLY B 396 -4.91 -30.38 -4.47
N GLU B 397 -4.62 -31.20 -5.47
CA GLU B 397 -3.23 -31.43 -5.86
C GLU B 397 -2.62 -30.18 -6.47
N LEU B 398 -3.49 -29.30 -6.98
CA LEU B 398 -3.06 -28.04 -7.57
C LEU B 398 -2.68 -27.03 -6.49
N HIS B 399 -3.19 -27.27 -5.28
CA HIS B 399 -2.83 -26.46 -4.12
C HIS B 399 -1.40 -26.80 -3.68
N LEU B 400 -1.11 -28.09 -3.61
CA LEU B 400 0.20 -28.54 -3.18
C LEU B 400 1.24 -28.43 -4.30
N SER B 401 0.77 -28.42 -5.54
CA SER B 401 1.66 -28.28 -6.68
C SER B 401 2.40 -26.95 -6.65
N VAL B 402 1.64 -25.86 -6.48
CA VAL B 402 2.22 -24.51 -6.54
C VAL B 402 3.07 -24.19 -5.31
N LEU B 403 2.82 -24.89 -4.22
CA LEU B 403 3.61 -24.70 -3.01
C LEU B 403 5.02 -25.24 -3.24
N ILE B 404 5.11 -26.31 -4.02
CA ILE B 404 6.39 -26.88 -4.38
C ILE B 404 7.08 -26.04 -5.45
N GLU B 405 6.31 -25.65 -6.46
CA GLU B 405 6.84 -24.81 -7.53
C GLU B 405 7.29 -23.46 -6.97
N ASN B 406 6.69 -23.08 -5.85
CA ASN B 406 7.17 -21.92 -5.08
C ASN B 406 8.60 -22.15 -4.61
N MET B 407 8.78 -23.20 -3.81
CA MET B 407 10.07 -23.52 -3.22
C MET B 407 11.13 -23.85 -4.26
N ARG B 408 10.69 -24.09 -5.49
CA ARG B 408 11.60 -24.34 -6.61
C ARG B 408 12.31 -23.06 -7.05
N ARG B 409 11.86 -21.92 -6.54
CA ARG B 409 12.47 -20.64 -6.92
C ARG B 409 13.22 -20.01 -5.75
N GLU B 410 12.71 -20.22 -4.54
CA GLU B 410 13.38 -19.73 -3.33
C GLU B 410 14.56 -20.63 -2.95
N GLY B 411 14.81 -21.65 -3.78
CA GLY B 411 16.04 -22.40 -3.75
C GLY B 411 16.17 -23.56 -2.78
N PHE B 412 15.22 -24.49 -2.76
CA PHE B 412 15.36 -25.66 -1.90
C PHE B 412 15.33 -26.96 -2.65
N GLU B 413 15.88 -27.99 -2.02
CA GLU B 413 15.89 -29.32 -2.57
C GLU B 413 15.05 -30.24 -1.70
N LEU B 414 13.90 -30.67 -2.24
CA LEU B 414 13.03 -31.58 -1.54
C LEU B 414 12.52 -32.68 -2.48
N ALA B 415 12.00 -33.75 -1.88
CA ALA B 415 11.38 -34.82 -2.64
C ALA B 415 9.97 -35.06 -2.13
N VAL B 416 9.06 -35.42 -3.01
CA VAL B 416 7.65 -35.54 -2.62
C VAL B 416 7.00 -36.86 -3.06
N SER B 417 6.17 -37.39 -2.17
CA SER B 417 5.39 -38.58 -2.47
C SER B 417 4.26 -38.27 -3.44
N ARG B 418 3.64 -39.31 -3.97
CA ARG B 418 2.46 -39.14 -4.82
C ARG B 418 1.28 -38.75 -3.93
N PRO B 419 0.44 -37.83 -4.42
CA PRO B 419 -0.70 -37.34 -3.63
C PRO B 419 -1.79 -38.39 -3.41
N LYS B 420 -2.12 -38.62 -2.14
CA LYS B 420 -3.24 -39.48 -1.77
C LYS B 420 -4.37 -38.63 -1.20
N VAL B 421 -5.60 -39.11 -1.33
CA VAL B 421 -6.72 -38.40 -0.72
C VAL B 421 -6.75 -38.67 0.78
N ILE B 422 -7.39 -37.78 1.52
CA ILE B 422 -7.57 -37.98 2.95
C ILE B 422 -8.91 -38.65 3.21
N PHE B 423 -8.87 -39.91 3.65
CA PHE B 423 -10.08 -40.62 4.03
C PHE B 423 -10.53 -40.19 5.41
N ARG B 424 -11.84 -40.01 5.57
CA ARG B 424 -12.40 -39.63 6.86
C ARG B 424 -13.54 -40.57 7.23
N GLU B 425 -13.78 -40.73 8.53
CA GLU B 425 -14.86 -41.59 8.98
C GLU B 425 -15.93 -40.78 9.69
N ILE B 426 -17.18 -41.00 9.27
CA ILE B 426 -18.33 -40.31 9.84
C ILE B 426 -19.47 -41.30 10.01
N ASP B 427 -19.99 -41.42 11.23
CA ASP B 427 -21.06 -42.35 11.57
C ASP B 427 -20.68 -43.79 11.23
N GLY B 428 -19.45 -44.17 11.57
CA GLY B 428 -19.00 -45.54 11.40
C GLY B 428 -18.48 -45.89 10.02
N ARG B 429 -18.99 -45.18 9.01
CA ARG B 429 -18.63 -45.47 7.61
C ARG B 429 -17.40 -44.67 7.17
N LYS B 430 -16.50 -45.34 6.46
CA LYS B 430 -15.34 -44.67 5.89
C LYS B 430 -15.76 -43.87 4.66
N GLN B 431 -15.29 -42.63 4.57
CA GLN B 431 -15.73 -41.74 3.49
C GLN B 431 -14.57 -41.04 2.79
N GLU B 432 -14.80 -40.63 1.54
CA GLU B 432 -13.79 -39.97 0.73
C GLU B 432 -14.37 -38.76 0.01
N PRO B 433 -13.52 -37.80 -0.36
CA PRO B 433 -14.00 -36.58 -1.02
C PRO B 433 -14.44 -36.80 -2.46
N TYR B 434 -15.58 -36.21 -2.83
CA TYR B 434 -16.05 -36.24 -4.21
C TYR B 434 -15.96 -34.85 -4.81
N GLU B 435 -15.74 -34.78 -6.12
CA GLU B 435 -15.65 -33.50 -6.81
C GLU B 435 -16.60 -33.41 -7.98
N ASN B 436 -17.07 -32.21 -8.27
CA ASN B 436 -17.80 -31.94 -9.50
C ASN B 436 -16.84 -31.50 -10.58
N VAL B 437 -16.81 -32.23 -11.69
CA VAL B 437 -15.91 -31.90 -12.79
C VAL B 437 -16.68 -31.57 -14.06
N THR B 438 -16.29 -30.47 -14.70
CA THR B 438 -16.83 -30.12 -16.00
C THR B 438 -15.70 -30.07 -17.02
N LEU B 439 -15.92 -30.70 -18.17
CA LEU B 439 -14.89 -30.74 -19.21
C LEU B 439 -15.42 -30.22 -20.53
N ASP B 440 -14.61 -29.40 -21.20
CA ASP B 440 -14.96 -28.91 -22.53
C ASP B 440 -13.97 -29.44 -23.56
N VAL B 441 -14.38 -30.46 -24.31
CA VAL B 441 -13.52 -31.08 -25.29
C VAL B 441 -14.09 -30.96 -26.70
N GLU B 442 -13.22 -31.09 -27.69
CA GLU B 442 -13.67 -31.26 -29.06
C GLU B 442 -14.43 -32.57 -29.15
N GLU B 443 -15.47 -32.61 -29.99
CA GLU B 443 -16.33 -33.78 -30.07
C GLU B 443 -15.59 -35.05 -30.50
N GLN B 444 -14.43 -34.89 -31.12
CA GLN B 444 -13.63 -36.03 -31.57
C GLN B 444 -12.90 -36.70 -30.41
N HIS B 445 -12.96 -36.09 -29.24
CA HIS B 445 -12.30 -36.63 -28.05
C HIS B 445 -13.33 -37.08 -27.04
N GLN B 446 -14.59 -36.75 -27.31
CA GLN B 446 -15.69 -36.95 -26.38
C GLN B 446 -15.81 -38.41 -25.92
N GLY B 447 -15.68 -39.35 -26.86
CA GLY B 447 -15.80 -40.77 -26.55
C GLY B 447 -14.63 -41.26 -25.71
N SER B 448 -13.43 -40.80 -26.04
CA SER B 448 -12.23 -41.26 -25.34
C SER B 448 -12.16 -40.71 -23.92
N VAL B 449 -12.62 -39.47 -23.75
CA VAL B 449 -12.60 -38.82 -22.44
C VAL B 449 -13.63 -39.46 -21.50
N MET B 450 -14.79 -39.81 -22.05
CA MET B 450 -15.83 -40.49 -21.29
C MET B 450 -15.37 -41.84 -20.77
N GLN B 451 -14.68 -42.59 -21.61
CA GLN B 451 -14.17 -43.90 -21.23
C GLN B 451 -13.17 -43.77 -20.09
N ALA B 452 -12.30 -42.76 -20.20
CA ALA B 452 -11.27 -42.52 -19.20
C ALA B 452 -11.86 -42.21 -17.84
N LEU B 453 -12.86 -41.35 -17.81
CA LEU B 453 -13.50 -40.94 -16.57
C LEU B 453 -14.36 -42.06 -15.99
N GLY B 454 -14.91 -42.90 -16.86
CA GLY B 454 -15.67 -44.05 -16.43
C GLY B 454 -14.79 -45.06 -15.74
N GLU B 455 -13.58 -45.24 -16.27
CA GLU B 455 -12.59 -46.13 -15.69
C GLU B 455 -12.02 -45.54 -14.40
N ARG B 456 -12.30 -44.26 -14.17
CA ARG B 456 -11.85 -43.57 -12.96
C ARG B 456 -13.02 -43.30 -12.00
N LYS B 457 -14.07 -44.12 -12.12
CA LYS B 457 -15.24 -44.09 -11.24
C LYS B 457 -16.09 -42.83 -11.40
N GLY B 458 -15.93 -42.12 -12.51
CA GLY B 458 -16.72 -40.93 -12.78
C GLY B 458 -18.14 -41.25 -13.16
N ASP B 459 -19.09 -40.51 -12.60
CA ASP B 459 -20.50 -40.69 -12.93
C ASP B 459 -21.01 -39.54 -13.79
N LEU B 460 -21.32 -39.85 -15.04
CA LEU B 460 -21.76 -38.83 -16.01
C LEU B 460 -23.10 -38.23 -15.62
N LYS B 461 -23.15 -36.91 -15.49
CA LYS B 461 -24.35 -36.23 -15.04
C LYS B 461 -25.00 -35.41 -16.16
N ASN B 462 -24.19 -34.67 -16.91
CA ASN B 462 -24.73 -33.88 -18.01
C ASN B 462 -23.81 -33.88 -19.23
N MET B 463 -24.35 -33.46 -20.36
CA MET B 463 -23.65 -33.53 -21.63
C MET B 463 -24.29 -32.55 -22.62
N ASN B 464 -23.56 -31.49 -22.96
CA ASN B 464 -24.11 -30.37 -23.71
C ASN B 464 -23.17 -29.86 -24.79
N PRO B 465 -23.48 -30.14 -26.06
CA PRO B 465 -22.66 -29.78 -27.23
C PRO B 465 -22.67 -28.28 -27.58
N ASP B 466 -21.56 -27.83 -28.15
CA ASP B 466 -21.39 -26.46 -28.61
C ASP B 466 -22.41 -26.10 -29.70
N GLY B 467 -22.52 -26.98 -30.69
CA GLY B 467 -23.24 -26.69 -31.92
C GLY B 467 -22.21 -26.35 -32.97
N LYS B 468 -20.94 -26.36 -32.57
CA LYS B 468 -19.84 -26.00 -33.45
C LYS B 468 -18.64 -26.93 -33.30
N GLY B 469 -18.84 -28.07 -32.65
CA GLY B 469 -17.80 -29.09 -32.59
C GLY B 469 -17.12 -29.27 -31.25
N ARG B 470 -17.69 -28.71 -30.20
CA ARG B 470 -17.19 -28.94 -28.85
C ARG B 470 -18.34 -29.35 -27.94
N VAL B 471 -18.01 -29.93 -26.79
CA VAL B 471 -19.04 -30.47 -25.92
C VAL B 471 -18.66 -30.36 -24.45
N ARG B 472 -19.60 -29.88 -23.64
CA ARG B 472 -19.40 -29.81 -22.20
C ARG B 472 -19.88 -31.08 -21.52
N LEU B 473 -19.02 -31.67 -20.70
CA LEU B 473 -19.37 -32.84 -19.92
C LEU B 473 -19.39 -32.49 -18.44
N ASP B 474 -20.36 -33.03 -17.70
CA ASP B 474 -20.42 -32.80 -16.27
C ASP B 474 -20.35 -34.12 -15.51
N TYR B 475 -19.35 -34.25 -14.64
CA TYR B 475 -19.11 -35.49 -13.93
C TYR B 475 -19.08 -35.31 -12.41
N VAL B 476 -19.62 -36.30 -11.70
CA VAL B 476 -19.34 -36.47 -10.28
C VAL B 476 -18.31 -37.60 -10.15
N ILE B 477 -17.23 -37.34 -9.45
CA ILE B 477 -16.14 -38.31 -9.38
C ILE B 477 -15.37 -38.13 -8.07
N PRO B 478 -14.95 -39.25 -7.45
CA PRO B 478 -14.07 -39.14 -6.29
C PRO B 478 -12.72 -38.52 -6.67
N SER B 479 -12.17 -37.70 -5.79
CA SER B 479 -10.87 -37.08 -6.02
C SER B 479 -9.81 -38.13 -6.29
N ARG B 480 -9.95 -39.26 -5.59
CA ARG B 480 -9.08 -40.42 -5.77
C ARG B 480 -9.00 -40.85 -7.23
N GLY B 481 -10.12 -40.78 -7.94
CA GLY B 481 -10.16 -41.15 -9.34
C GLY B 481 -9.74 -40.04 -10.27
N LEU B 482 -9.71 -38.82 -9.76
CA LEU B 482 -9.41 -37.65 -10.59
C LEU B 482 -7.94 -37.23 -10.46
N ILE B 483 -7.28 -37.71 -9.41
CA ILE B 483 -5.87 -37.39 -9.18
C ILE B 483 -5.00 -37.80 -10.37
N GLY B 484 -4.29 -36.83 -10.94
CA GLY B 484 -3.37 -37.08 -12.02
C GLY B 484 -3.99 -37.08 -13.41
N PHE B 485 -5.33 -37.06 -13.47
CA PHE B 485 -6.03 -37.11 -14.74
C PHE B 485 -5.71 -35.91 -15.62
N ARG B 486 -5.34 -34.80 -15.00
CA ARG B 486 -5.06 -33.56 -15.71
C ARG B 486 -3.93 -33.73 -16.72
N SER B 487 -3.03 -34.67 -16.46
CA SER B 487 -1.93 -34.97 -17.37
C SER B 487 -2.41 -35.80 -18.56
N GLU B 488 -3.01 -36.96 -18.27
CA GLU B 488 -3.53 -37.85 -19.30
C GLU B 488 -4.52 -37.14 -20.20
N PHE B 489 -5.40 -36.35 -19.58
CA PHE B 489 -6.41 -35.59 -20.31
C PHE B 489 -5.80 -34.70 -21.38
N MET B 490 -4.83 -33.88 -20.99
CA MET B 490 -4.24 -32.88 -21.87
C MET B 490 -3.59 -33.44 -23.14
N THR B 491 -3.05 -34.65 -23.05
CA THR B 491 -2.47 -35.30 -24.23
C THR B 491 -3.56 -36.00 -25.03
N MET B 492 -4.44 -36.69 -24.31
CA MET B 492 -5.57 -37.40 -24.91
C MET B 492 -6.45 -36.48 -25.74
N THR B 493 -6.56 -35.22 -25.31
CA THR B 493 -7.40 -34.25 -25.98
C THR B 493 -6.61 -33.36 -26.94
N SER B 494 -5.35 -33.71 -27.14
CA SER B 494 -4.46 -32.98 -28.04
C SER B 494 -4.28 -31.51 -27.64
N GLY B 495 -4.43 -31.24 -26.35
CA GLY B 495 -4.21 -29.90 -25.82
C GLY B 495 -5.41 -28.98 -25.92
N THR B 496 -6.46 -29.42 -26.61
CA THR B 496 -7.63 -28.59 -26.85
C THR B 496 -8.63 -28.64 -25.70
N GLY B 497 -8.39 -29.53 -24.74
CA GLY B 497 -9.34 -29.77 -23.67
C GLY B 497 -9.24 -28.79 -22.52
N LEU B 498 -10.37 -28.57 -21.87
CA LEU B 498 -10.44 -27.72 -20.68
C LEU B 498 -11.07 -28.50 -19.53
N LEU B 499 -10.45 -28.43 -18.36
CA LEU B 499 -10.93 -29.16 -17.20
C LEU B 499 -10.99 -28.27 -15.97
N TYR B 500 -12.14 -28.27 -15.30
CA TYR B 500 -12.31 -27.49 -14.09
C TYR B 500 -12.88 -28.37 -12.98
N SER B 501 -12.35 -28.21 -11.78
CA SER B 501 -12.70 -29.08 -10.67
C SER B 501 -13.21 -28.30 -9.46
N THR B 502 -14.17 -28.88 -8.77
CA THR B 502 -14.71 -28.28 -7.55
C THR B 502 -15.04 -29.38 -6.54
N PHE B 503 -14.50 -29.25 -5.33
CA PHE B 503 -14.86 -30.16 -4.26
C PHE B 503 -16.34 -30.01 -3.95
N SER B 504 -17.01 -31.13 -3.68
CA SER B 504 -18.44 -31.11 -3.42
C SER B 504 -18.75 -31.53 -2.00
N HIS B 505 -18.42 -32.78 -1.66
CA HIS B 505 -18.78 -33.36 -0.38
C HIS B 505 -18.04 -34.66 -0.11
N TYR B 506 -18.06 -35.09 1.14
CA TYR B 506 -17.60 -36.42 1.50
C TYR B 506 -18.77 -37.40 1.41
N ASP B 507 -18.47 -38.65 1.09
CA ASP B 507 -19.48 -39.68 0.97
C ASP B 507 -18.82 -41.06 1.04
N ASP B 508 -19.64 -42.11 1.17
CA ASP B 508 -19.13 -43.47 1.25
C ASP B 508 -18.16 -43.79 0.11
N VAL B 509 -17.04 -44.43 0.46
CA VAL B 509 -16.01 -44.73 -0.51
C VAL B 509 -16.53 -45.65 -1.61
N ARG B 510 -16.13 -45.37 -2.85
CA ARG B 510 -16.47 -46.26 -3.95
C ARG B 510 -15.56 -47.48 -3.91
N PRO B 511 -16.15 -48.67 -3.75
CA PRO B 511 -15.40 -49.93 -3.67
C PRO B 511 -14.51 -50.15 -4.89
N GLY B 512 -13.32 -50.70 -4.66
CA GLY B 512 -12.39 -50.96 -5.74
C GLY B 512 -11.29 -49.92 -5.85
N GLU B 513 -10.28 -50.23 -6.63
CA GLU B 513 -9.15 -49.33 -6.82
C GLU B 513 -9.23 -48.61 -8.16
N VAL B 514 -8.45 -47.54 -8.29
CA VAL B 514 -8.26 -46.88 -9.57
C VAL B 514 -7.07 -47.55 -10.26
N GLY B 515 -7.14 -47.68 -11.57
CA GLY B 515 -6.10 -48.36 -12.34
C GLY B 515 -4.70 -47.82 -12.09
N GLN B 516 -3.79 -48.72 -11.72
CA GLN B 516 -2.41 -48.34 -11.44
C GLN B 516 -1.61 -48.28 -12.74
N ARG B 517 -0.39 -47.74 -12.65
CA ARG B 517 0.49 -47.62 -13.82
C ARG B 517 0.77 -48.99 -14.42
N GLN B 518 0.50 -49.13 -15.71
CA GLN B 518 0.66 -50.42 -16.39
C GLN B 518 2.14 -50.74 -16.62
N ASN B 519 2.90 -49.74 -17.06
CA ASN B 519 4.31 -49.93 -17.35
C ASN B 519 5.20 -49.83 -16.11
N GLY B 520 6.26 -50.62 -16.09
CA GLY B 520 7.27 -50.50 -15.05
C GLY B 520 8.21 -49.36 -15.41
N VAL B 521 9.32 -49.24 -14.69
CA VAL B 521 10.28 -48.19 -14.98
C VAL B 521 11.69 -48.74 -15.18
N LEU B 522 12.47 -48.04 -15.98
CA LEU B 522 13.88 -48.34 -16.12
C LEU B 522 14.66 -47.62 -15.02
N ILE B 523 15.37 -48.39 -14.20
CA ILE B 523 16.11 -47.83 -13.08
C ILE B 523 17.61 -47.97 -13.32
N SER B 524 18.34 -46.89 -13.10
CA SER B 524 19.79 -46.90 -13.29
C SER B 524 20.48 -47.77 -12.25
N ASN B 525 21.59 -48.40 -12.64
CA ASN B 525 22.31 -49.30 -11.75
C ASN B 525 23.61 -48.71 -11.19
N GLY B 526 23.89 -47.46 -11.56
CA GLY B 526 25.06 -46.77 -11.08
C GLY B 526 24.97 -45.24 -11.17
N GLN B 527 26.10 -44.60 -10.85
CA GLN B 527 26.27 -43.16 -10.79
C GLN B 527 27.05 -42.83 -12.05
N GLY B 528 26.81 -41.70 -12.71
CA GLY B 528 27.75 -41.29 -13.73
C GLY B 528 27.10 -40.51 -14.87
N LYS B 529 27.72 -40.48 -16.04
CA LYS B 529 27.12 -39.83 -17.19
C LYS B 529 26.48 -40.87 -18.12
N ALA B 530 25.24 -40.60 -18.55
CA ALA B 530 24.57 -41.48 -19.50
C ALA B 530 25.20 -41.34 -20.87
N VAL B 531 25.51 -42.47 -21.50
CA VAL B 531 26.15 -42.47 -22.81
C VAL B 531 25.18 -42.92 -23.90
N ALA B 532 25.31 -42.32 -25.08
CA ALA B 532 24.40 -42.60 -26.19
C ALA B 532 24.47 -44.05 -26.66
N PHE B 533 25.64 -44.66 -26.47
CA PHE B 533 25.84 -46.05 -26.85
C PHE B 533 24.85 -46.96 -26.12
N ALA B 534 24.68 -46.71 -24.82
CA ALA B 534 23.77 -47.50 -24.01
C ALA B 534 22.32 -47.09 -24.26
N LEU B 535 22.09 -45.79 -24.47
CA LEU B 535 20.74 -45.28 -24.62
C LEU B 535 20.04 -45.76 -25.88
N PHE B 536 20.82 -46.09 -26.91
CA PHE B 536 20.26 -46.59 -28.16
C PHE B 536 19.66 -47.98 -27.97
N GLY B 537 20.29 -48.76 -27.11
CA GLY B 537 19.81 -50.10 -26.81
C GLY B 537 18.58 -50.08 -25.92
N LEU B 538 18.52 -49.11 -25.02
CA LEU B 538 17.42 -49.00 -24.06
C LEU B 538 16.11 -48.60 -24.73
N GLN B 539 16.20 -47.79 -25.78
CA GLN B 539 14.99 -47.28 -26.44
C GLN B 539 14.33 -48.35 -27.31
N ASP B 540 14.95 -49.51 -27.38
CA ASP B 540 14.33 -50.68 -28.00
C ASP B 540 13.63 -51.49 -26.91
N ARG B 541 13.38 -50.82 -25.78
CA ARG B 541 12.86 -51.48 -24.59
C ARG B 541 11.99 -50.53 -23.78
N GLY B 542 11.81 -49.31 -24.30
CA GLY B 542 11.00 -48.31 -23.63
C GLY B 542 11.36 -46.89 -24.02
N LYS B 543 10.75 -45.92 -23.35
CA LYS B 543 10.98 -44.51 -23.65
C LYS B 543 11.80 -43.84 -22.54
N LEU B 544 12.97 -43.33 -22.91
CA LEU B 544 13.90 -42.75 -21.94
C LEU B 544 13.50 -41.35 -21.53
N PHE B 545 14.02 -40.91 -20.38
CA PHE B 545 13.76 -39.57 -19.87
C PHE B 545 14.95 -38.65 -20.07
N LEU B 546 15.95 -39.12 -20.82
CA LEU B 546 17.20 -38.36 -20.97
C LEU B 546 17.94 -38.69 -22.27
N GLY B 547 18.96 -37.89 -22.56
CA GLY B 547 19.78 -38.10 -23.75
C GLY B 547 21.26 -38.14 -23.42
N HIS B 548 22.09 -37.94 -24.43
CA HIS B 548 23.55 -37.98 -24.28
C HIS B 548 24.03 -37.05 -23.16
N GLY B 549 25.02 -37.51 -22.40
CA GLY B 549 25.49 -36.76 -21.25
C GLY B 549 24.52 -36.93 -20.09
N ALA B 550 24.38 -35.87 -19.29
CA ALA B 550 23.46 -35.82 -18.15
C ALA B 550 23.80 -36.83 -17.05
N GLU B 551 23.98 -36.32 -15.83
CA GLU B 551 24.33 -37.17 -14.69
C GLU B 551 23.15 -38.00 -14.21
N VAL B 552 23.47 -39.17 -13.65
CA VAL B 552 22.47 -40.08 -13.09
C VAL B 552 23.03 -40.68 -11.80
N TYR B 553 22.16 -41.10 -10.88
CA TYR B 553 22.60 -41.87 -9.71
C TYR B 553 21.80 -43.16 -9.59
N GLU B 554 22.30 -44.10 -8.78
CA GLU B 554 21.65 -45.40 -8.63
C GLU B 554 20.29 -45.24 -7.93
N GLY B 555 19.27 -45.84 -8.52
CA GLY B 555 17.92 -45.73 -7.98
C GLY B 555 17.08 -44.76 -8.77
N GLN B 556 17.73 -43.87 -9.50
CA GLN B 556 17.02 -42.87 -10.31
C GLN B 556 16.33 -43.51 -11.51
N ILE B 557 15.03 -43.27 -11.63
CA ILE B 557 14.25 -43.75 -12.75
C ILE B 557 14.61 -42.98 -14.02
N ILE B 558 15.00 -43.71 -15.06
CA ILE B 558 15.51 -43.08 -16.28
C ILE B 558 14.67 -43.37 -17.51
N GLY B 559 13.57 -44.10 -17.33
CA GLY B 559 12.70 -44.42 -18.46
C GLY B 559 11.48 -45.24 -18.14
N ILE B 560 10.59 -45.34 -19.11
CA ILE B 560 9.38 -46.16 -18.99
C ILE B 560 9.59 -47.51 -19.64
N HIS B 561 9.52 -48.57 -18.85
CA HIS B 561 9.67 -49.92 -19.38
C HIS B 561 8.50 -50.24 -20.31
N SER B 562 8.77 -50.95 -21.39
CA SER B 562 7.73 -51.34 -22.34
C SER B 562 6.82 -52.41 -21.72
N ARG B 563 7.30 -53.03 -20.65
CA ARG B 563 6.55 -54.07 -19.96
C ARG B 563 6.13 -53.60 -18.57
N SER B 564 5.55 -54.50 -17.79
CA SER B 564 4.92 -54.13 -16.52
C SER B 564 5.88 -54.14 -15.33
N ASN B 565 6.91 -54.97 -15.40
CA ASN B 565 7.88 -55.06 -14.30
C ASN B 565 8.92 -53.96 -14.36
N ASP B 566 9.56 -53.69 -13.22
CA ASP B 566 10.67 -52.74 -13.18
C ASP B 566 11.95 -53.41 -13.63
N LEU B 567 12.79 -52.67 -14.35
CA LEU B 567 14.02 -53.22 -14.89
C LEU B 567 15.22 -52.34 -14.55
N THR B 568 16.25 -52.95 -13.97
CA THR B 568 17.48 -52.24 -13.64
C THR B 568 18.50 -52.35 -14.76
N VAL B 569 18.80 -51.23 -15.40
CA VAL B 569 19.67 -51.24 -16.57
C VAL B 569 20.93 -50.40 -16.37
N ASN B 570 21.93 -50.64 -17.22
CA ASN B 570 23.16 -49.87 -17.21
C ASN B 570 23.19 -48.87 -18.36
N CYS B 571 23.15 -47.59 -18.03
CA CYS B 571 23.20 -46.54 -19.05
C CYS B 571 24.54 -45.82 -19.00
N LEU B 572 25.50 -46.42 -18.30
CA LEU B 572 26.82 -45.82 -18.14
C LEU B 572 27.81 -46.38 -19.15
N THR B 573 27.51 -47.56 -19.68
CA THR B 573 28.31 -48.17 -20.74
C THR B 573 27.42 -48.77 -21.82
N VAL B 590 21.21 -39.18 -33.08
CA VAL B 590 21.42 -40.62 -33.02
C VAL B 590 20.43 -41.28 -32.06
N LEU B 591 19.51 -40.50 -31.52
CA LEU B 591 18.54 -40.99 -30.56
C LEU B 591 17.16 -40.37 -30.74
N VAL B 592 16.14 -41.02 -30.19
CA VAL B 592 14.80 -40.46 -30.15
C VAL B 592 14.72 -39.42 -29.04
N PRO B 593 14.11 -38.25 -29.33
CA PRO B 593 13.93 -37.18 -28.35
C PRO B 593 13.34 -37.67 -27.02
N PRO B 594 14.00 -37.32 -25.91
CA PRO B 594 13.65 -37.80 -24.57
C PRO B 594 12.34 -37.22 -24.05
N ILE B 595 11.61 -38.01 -23.26
CA ILE B 595 10.38 -37.54 -22.63
C ILE B 595 10.70 -36.61 -21.47
N ARG B 596 10.73 -35.31 -21.73
CA ARG B 596 10.89 -34.33 -20.67
C ARG B 596 9.59 -34.23 -19.88
N MET B 597 9.70 -34.14 -18.57
CA MET B 597 8.51 -34.15 -17.72
C MET B 597 8.42 -32.95 -16.80
N THR B 598 7.24 -32.34 -16.76
CA THR B 598 6.94 -31.25 -15.85
C THR B 598 6.66 -31.80 -14.45
N LEU B 599 6.51 -30.90 -13.48
CA LEU B 599 6.22 -31.32 -12.11
C LEU B 599 4.83 -31.94 -12.02
N GLU B 600 3.91 -31.44 -12.85
CA GLU B 600 2.55 -31.97 -12.88
C GLU B 600 2.51 -33.37 -13.46
N GLN B 601 3.23 -33.57 -14.56
CA GLN B 601 3.29 -34.86 -15.23
C GLN B 601 4.01 -35.92 -14.39
N ALA B 602 5.03 -35.47 -13.66
CA ALA B 602 5.84 -36.38 -12.86
C ALA B 602 5.11 -36.84 -11.60
N LEU B 603 4.27 -35.96 -11.04
CA LEU B 603 3.49 -36.29 -9.86
C LEU B 603 2.33 -37.21 -10.21
N GLU B 604 1.99 -37.25 -11.49
CA GLU B 604 0.97 -38.16 -11.99
C GLU B 604 1.60 -39.53 -12.24
N PHE B 605 2.89 -39.54 -12.53
CA PHE B 605 3.58 -40.73 -12.98
C PHE B 605 3.98 -41.69 -11.86
N ILE B 606 4.51 -41.15 -10.77
CA ILE B 606 5.16 -41.98 -9.75
C ILE B 606 4.22 -42.88 -8.95
N ASP B 607 4.70 -44.07 -8.65
CA ASP B 607 3.95 -45.03 -7.83
C ASP B 607 4.17 -44.76 -6.35
N ASP B 608 3.59 -45.60 -5.50
CA ASP B 608 3.68 -45.41 -4.06
C ASP B 608 5.07 -45.75 -3.51
N ASP B 609 5.92 -46.32 -4.35
CA ASP B 609 7.29 -46.63 -3.96
C ASP B 609 8.27 -45.72 -4.67
N GLU B 610 7.80 -44.54 -5.06
CA GLU B 610 8.63 -43.61 -5.83
C GLU B 610 8.49 -42.16 -5.32
N LEU B 611 9.50 -41.35 -5.62
CA LEU B 611 9.52 -39.95 -5.21
C LEU B 611 9.87 -39.05 -6.37
N VAL B 612 9.55 -37.77 -6.24
CA VAL B 612 9.94 -36.78 -7.24
C VAL B 612 10.94 -35.80 -6.64
N GLU B 613 12.21 -36.03 -6.93
CA GLU B 613 13.28 -35.17 -6.44
C GLU B 613 13.19 -33.78 -7.09
N VAL B 614 12.82 -32.79 -6.30
CA VAL B 614 12.60 -31.44 -6.81
C VAL B 614 13.69 -30.46 -6.36
N THR B 615 14.56 -30.10 -7.30
CA THR B 615 15.59 -29.08 -7.08
C THR B 615 15.24 -27.87 -7.95
N PRO B 616 15.68 -26.66 -7.54
CA PRO B 616 15.31 -25.41 -8.21
C PRO B 616 15.38 -25.42 -9.74
N THR B 617 16.30 -26.20 -10.32
CA THR B 617 16.48 -26.20 -11.76
C THR B 617 16.22 -27.56 -12.40
N SER B 618 15.96 -28.58 -11.58
CA SER B 618 15.80 -29.93 -12.11
C SER B 618 14.65 -30.70 -11.48
N ILE B 619 14.04 -31.57 -12.28
CA ILE B 619 13.05 -32.51 -11.80
C ILE B 619 13.48 -33.93 -12.18
N ARG B 620 13.91 -34.70 -11.20
CA ARG B 620 14.27 -36.09 -11.43
C ARG B 620 13.30 -37.02 -10.72
N ILE B 621 13.16 -38.23 -11.24
CA ILE B 621 12.31 -39.23 -10.63
C ILE B 621 13.16 -40.38 -10.10
N ARG B 622 12.88 -40.81 -8.88
CA ARG B 622 13.67 -41.87 -8.25
C ARG B 622 12.81 -42.82 -7.44
N LYS B 623 13.39 -43.97 -7.09
CA LYS B 623 12.73 -44.93 -6.22
C LYS B 623 12.91 -44.56 -4.75
N ARG B 624 12.02 -45.03 -3.91
CA ARG B 624 12.16 -44.84 -2.47
C ARG B 624 13.44 -45.50 -1.97
N HIS B 625 13.54 -46.80 -2.20
CA HIS B 625 14.75 -47.55 -1.86
C HIS B 625 15.71 -47.53 -3.04
N LEU B 626 16.84 -46.86 -2.86
CA LEU B 626 17.74 -46.51 -3.96
C LEU B 626 18.50 -47.70 -4.55
N THR B 627 18.61 -48.80 -3.81
CA THR B 627 19.36 -49.95 -4.29
C THR B 627 18.45 -51.08 -4.75
N GLU B 628 18.93 -51.87 -5.69
CA GLU B 628 18.19 -53.02 -6.20
C GLU B 628 17.97 -54.05 -5.10
N ASN B 629 18.87 -54.05 -4.12
CA ASN B 629 18.78 -54.97 -2.99
C ASN B 629 17.60 -54.68 -2.09
N ASP B 630 17.48 -53.43 -1.66
CA ASP B 630 16.42 -53.03 -0.73
C ASP B 630 15.03 -53.12 -1.34
N ARG B 631 14.93 -52.87 -2.64
CA ARG B 631 13.65 -52.95 -3.33
C ARG B 631 13.13 -54.39 -3.35
N ARG B 632 14.05 -55.34 -3.45
CA ARG B 632 13.70 -56.75 -3.42
C ARG B 632 13.25 -57.17 -2.03
N ARG B 633 13.76 -56.47 -1.01
CA ARG B 633 13.44 -56.78 0.37
C ARG B 633 12.00 -56.42 0.71
N ALA B 634 11.57 -55.24 0.26
CA ALA B 634 10.23 -54.75 0.54
C ALA B 634 9.17 -55.68 -0.01
N ASN B 635 9.49 -56.37 -1.10
CA ASN B 635 8.58 -57.34 -1.69
C ASN B 635 8.97 -58.77 -1.36
CO NCO C . -2.97 52.39 8.40
N1 NCO C . -1.17 51.56 8.32
N2 NCO C . -4.77 53.22 8.47
N3 NCO C . -2.29 53.74 9.67
N4 NCO C . -3.44 51.21 9.91
N5 NCO C . -3.65 51.04 7.12
N6 NCO C . -2.49 53.58 6.89
CO NCO D . 38.08 19.53 -4.64
N1 NCO D . 39.38 18.36 -3.69
N2 NCO D . 36.79 20.68 -5.58
N3 NCO D . 39.44 20.97 -4.72
N4 NCO D . 37.45 20.23 -2.90
N5 NCO D . 36.72 18.09 -4.55
N6 NCO D . 38.73 18.82 -6.38
CO NCO E . 3.15 -52.25 -11.28
N1 NCO E . 1.25 -51.68 -11.22
N2 NCO E . 5.05 -52.81 -11.33
N3 NCO E . 2.68 -53.90 -10.31
N4 NCO E . 3.47 -51.34 -9.55
N5 NCO E . 3.62 -50.59 -12.24
N6 NCO E . 2.84 -53.16 -13.00
CO NCO F . -38.15 -16.51 -12.34
N1 NCO F . -39.80 -16.07 -11.32
N2 NCO F . -36.51 -16.95 -13.35
N3 NCO F . -38.96 -18.23 -12.91
N4 NCO F . -37.41 -17.41 -10.74
N5 NCO F . -37.34 -14.80 -11.76
N6 NCO F . -38.90 -15.62 -13.94
#